data_2JKB
#
_entry.id   2JKB
#
_cell.length_a   76.719
_cell.length_b   82.746
_cell.length_c   118.079
_cell.angle_alpha   90.00
_cell.angle_beta   90.00
_cell.angle_gamma   90.00
#
_symmetry.space_group_name_H-M   'P 21 21 21'
#
loop_
_entity.id
_entity.type
_entity.pdbx_description
1 polymer 'SIALIDASE B'
2 non-polymer '2-ACETYLAMINO-7-(1,2-DIHYDROXY-ETHYL)-3-HYDROXY-6,8-DIOXA-BICYCLO[3.2.1]OCTANE-5-CARBOXYLIC ACID'
3 non-polymer 1,2-ETHANEDIOL
4 water water
#
_entity_poly.entity_id   1
_entity_poly.type   'polypeptide(L)'
_entity_poly.pdbx_seq_one_letter_code
;AHHHHHHSSGLEVLFQGPNELNYGQLSISPIFQGGSYQLNNKSIDISSLLLDKLSGESQTVVMKFKADKPNSLQALFGLS
NSKAGFKNNYFSIFMRDSGEIGVEIRDAQKGINYLFSRPASLWGKHKGQAVENTLVFVSDSKDKTYTMYVNGIEVFSETV
DTFLPISNINGIDKATLGAVNREGKEHYLAKGSIDEISLFNKAISDQEVSTIPLSNPFQLIFQSGDSTQANYFRIPTLYT
LSSGRVLSSIDARYGGTHDSKSKINIATSYSDDNGKTWSEPIFAMKFNDYEEQLVYWPRDNKLKNSQISGSASFIDSSIV
EDKKSGKTILLADVMPAGIGNNNANKADSGFKEINGHYYLKLKKNGDNDFRYTVRENGVVYNETTNKPTNYTINDKYEVL
EGGKSLTVEQYSVDFDSGSLRERHNGKQVPMNVFYKDSLFKVTPTNYIAMTTSQNRGESWEQFKLLPPFLGEKHNGTYLC
PGQGLALKSSNRLIFATYTSGELTYLISDDSGQTWKKSSASIPFKNATAEAQMVELRDGVIRTFFRTTTGKIAYMTSRDS
GETWSKVSYIDGIQQTSYGTQVSAIKYSQLIDGKEAVILSTPNSRSGRKGGQLVVGLVNKEDDSIDWKYHYDIDLPSYGY
AYSAITELPNHHIGVLFEKYDSWSRNELHLSNVVQYIDLEINDLTK
;
_entity_poly.pdbx_strand_id   A
#
# COMPACT_ATOMS: atom_id res chain seq x y z
N LEU A 26 16.65 9.96 27.43
CA LEU A 26 15.68 11.05 27.78
C LEU A 26 16.28 12.03 28.81
N SER A 27 15.95 13.32 28.62
CA SER A 27 16.56 14.40 29.38
C SER A 27 16.06 14.51 30.83
N ILE A 28 15.04 13.72 31.18
CA ILE A 28 14.41 13.82 32.50
C ILE A 28 13.88 12.46 32.98
N SER A 29 13.85 12.28 34.30
CA SER A 29 13.36 11.04 34.91
C SER A 29 11.82 11.01 35.00
N PRO A 30 11.22 9.80 35.02
CA PRO A 30 9.77 9.71 35.13
C PRO A 30 9.24 10.14 36.49
N ILE A 31 8.07 10.77 36.49
CA ILE A 31 7.35 11.11 37.73
C ILE A 31 6.60 9.89 38.27
N PHE A 32 6.35 8.94 37.39
CA PHE A 32 5.68 7.70 37.76
C PHE A 32 6.16 6.64 36.77
N GLN A 33 6.44 5.45 37.28
CA GLN A 33 6.77 4.31 36.44
C GLN A 33 6.25 3.04 37.10
N GLY A 34 5.63 2.18 36.31
CA GLY A 34 5.03 0.95 36.81
C GLY A 34 4.98 -0.07 35.71
N GLY A 35 4.67 -1.32 36.05
CA GLY A 35 4.69 -2.38 35.07
C GLY A 35 3.99 -3.64 35.51
N SER A 36 4.01 -4.63 34.63
CA SER A 36 3.35 -5.91 34.82
C SER A 36 1.88 -5.77 35.26
N TYR A 37 1.14 -4.86 34.64
CA TYR A 37 -0.28 -4.74 34.95
C TYR A 37 -1.12 -5.61 34.02
N GLN A 38 -1.88 -6.55 34.60
CA GLN A 38 -2.83 -7.36 33.84
C GLN A 38 -4.18 -6.67 33.82
N LEU A 39 -4.71 -6.43 32.62
CA LEU A 39 -6.02 -5.82 32.46
C LEU A 39 -7.00 -6.91 32.07
N ASN A 40 -7.69 -7.44 33.08
CA ASN A 40 -8.66 -8.51 32.87
C ASN A 40 -10.06 -8.03 33.17
N ASN A 41 -10.51 -7.06 32.38
CA ASN A 41 -11.83 -6.47 32.54
C ASN A 41 -12.06 -6.01 33.98
N LYS A 42 -11.03 -5.37 34.53
CA LYS A 42 -11.08 -4.84 35.88
C LYS A 42 -10.01 -3.77 35.98
N SER A 43 -10.44 -2.54 36.25
CA SER A 43 -9.53 -1.42 36.31
C SER A 43 -8.54 -1.55 37.47
N ILE A 44 -7.38 -0.90 37.29
CA ILE A 44 -6.38 -0.80 38.34
C ILE A 44 -6.24 0.68 38.68
N ASP A 45 -6.44 1.00 39.97
CA ASP A 45 -6.42 2.39 40.43
C ASP A 45 -4.98 2.73 40.79
N ILE A 46 -4.42 3.74 40.12
CA ILE A 46 -3.08 4.25 40.42
C ILE A 46 -3.12 5.72 40.88
N SER A 47 -4.27 6.16 41.38
CA SER A 47 -4.46 7.55 41.80
C SER A 47 -3.41 8.04 42.81
N SER A 48 -3.22 7.27 43.88
CA SER A 48 -2.32 7.68 44.96
C SER A 48 -0.86 7.72 44.51
N LEU A 49 -0.53 6.96 43.47
CA LEU A 49 0.84 6.91 42.95
C LEU A 49 1.17 8.04 41.97
N LEU A 50 0.16 8.53 41.25
CA LEU A 50 0.38 9.44 40.12
C LEU A 50 -0.15 10.86 40.30
N LEU A 51 -1.36 11.02 40.85
CA LEU A 51 -2.06 12.31 40.74
C LEU A 51 -1.29 13.49 41.35
N ASP A 52 -0.77 13.29 42.56
CA ASP A 52 -0.02 14.37 43.21
C ASP A 52 1.39 14.59 42.65
N LYS A 53 1.82 13.75 41.70
CA LYS A 53 3.10 13.91 41.01
C LYS A 53 2.99 14.65 39.67
N LEU A 54 1.77 14.80 39.15
CA LEU A 54 1.54 15.60 37.94
C LEU A 54 1.69 17.10 38.23
N SER A 55 2.48 17.78 37.40
CA SER A 55 2.65 19.23 37.54
C SER A 55 3.07 19.85 36.22
N GLY A 56 2.68 21.11 36.03
CA GLY A 56 2.95 21.81 34.78
C GLY A 56 2.05 21.35 33.66
N GLU A 57 2.17 22.02 32.52
CA GLU A 57 1.15 21.91 31.48
C GLU A 57 1.49 20.93 30.37
N SER A 58 2.70 20.37 30.39
CA SER A 58 3.15 19.41 29.38
C SER A 58 3.46 18.05 29.99
N GLN A 59 3.05 16.98 29.31
CA GLN A 59 3.31 15.63 29.78
C GLN A 59 3.59 14.69 28.62
N THR A 60 4.34 13.65 28.92
CA THR A 60 4.54 12.53 28.00
C THR A 60 4.17 11.22 28.68
N VAL A 61 3.41 10.38 27.97
CA VAL A 61 3.09 9.03 28.44
C VAL A 61 3.84 8.05 27.52
N VAL A 62 4.60 7.14 28.11
CA VAL A 62 5.24 6.05 27.35
C VAL A 62 4.67 4.74 27.89
N MET A 63 4.03 3.96 27.02
CA MET A 63 3.34 2.74 27.46
C MET A 63 3.69 1.58 26.54
N LYS A 64 4.14 0.46 27.12
CA LYS A 64 4.37 -0.78 26.38
C LYS A 64 3.25 -1.72 26.77
N PHE A 65 2.46 -2.18 25.80
CA PHE A 65 1.25 -2.90 26.13
C PHE A 65 0.91 -3.96 25.09
N LYS A 66 0.16 -4.97 25.54
CA LYS A 66 -0.30 -6.06 24.70
C LYS A 66 -1.80 -6.09 24.74
N ALA A 67 -2.40 -6.38 23.58
CA ALA A 67 -3.83 -6.61 23.52
C ALA A 67 -4.10 -7.50 22.34
N ASP A 68 -4.08 -8.82 22.57
CA ASP A 68 -4.36 -9.77 21.51
C ASP A 68 -5.83 -10.28 21.51
N LYS A 69 -6.60 -9.84 22.49
CA LYS A 69 -8.03 -10.16 22.55
C LYS A 69 -8.77 -8.92 23.07
N PRO A 70 -8.62 -7.79 22.38
CA PRO A 70 -9.23 -6.56 22.89
C PRO A 70 -10.73 -6.59 22.82
N ASN A 71 -11.38 -5.86 23.72
CA ASN A 71 -12.79 -5.52 23.58
C ASN A 71 -13.02 -4.54 22.43
N SER A 72 -14.28 -4.29 22.05
CA SER A 72 -14.60 -3.45 20.90
C SER A 72 -14.02 -2.04 21.04
N LEU A 73 -14.23 -1.46 22.21
CA LEU A 73 -13.69 -0.15 22.58
C LEU A 73 -13.17 -0.25 23.99
N GLN A 74 -11.89 0.05 24.20
CA GLN A 74 -11.34 -0.03 25.56
C GLN A 74 -10.34 1.08 25.84
N ALA A 75 -10.39 1.57 27.08
CA ALA A 75 -9.46 2.57 27.54
C ALA A 75 -8.28 1.89 28.18
N LEU A 76 -7.08 2.25 27.75
CA LEU A 76 -5.85 1.74 28.35
C LEU A 76 -5.44 2.55 29.58
N PHE A 77 -5.66 3.87 29.51
CA PHE A 77 -5.23 4.78 30.57
C PHE A 77 -6.25 5.88 30.68
N GLY A 78 -6.62 6.24 31.91
CA GLY A 78 -7.58 7.30 32.14
C GLY A 78 -7.15 8.22 33.26
N LEU A 79 -7.43 9.52 33.09
CA LEU A 79 -7.41 10.48 34.19
C LEU A 79 -8.78 11.11 34.18
N SER A 80 -9.53 11.02 35.27
CA SER A 80 -10.92 11.49 35.26
C SER A 80 -11.34 12.17 36.54
N ASN A 81 -12.33 13.04 36.38
CA ASN A 81 -13.19 13.46 37.47
C ASN A 81 -14.25 12.38 37.60
N SER A 82 -14.20 11.62 38.69
CA SER A 82 -15.09 10.47 38.90
C SER A 82 -16.37 10.84 39.62
N LYS A 83 -16.55 12.12 39.92
CA LYS A 83 -17.68 12.54 40.75
C LYS A 83 -18.97 12.65 39.95
N ALA A 84 -20.09 12.49 40.66
CA ALA A 84 -21.41 12.72 40.09
C ALA A 84 -21.50 14.07 39.41
N GLY A 85 -21.98 14.06 38.17
CA GLY A 85 -22.19 15.27 37.39
C GLY A 85 -21.02 15.70 36.55
N PHE A 86 -19.96 14.89 36.53
CA PHE A 86 -18.74 15.23 35.78
C PHE A 86 -18.29 14.08 34.88
N LYS A 87 -19.24 13.35 34.32
CA LYS A 87 -18.96 12.16 33.52
C LYS A 87 -18.11 12.45 32.28
N ASN A 88 -18.13 13.69 31.79
CA ASN A 88 -17.38 14.05 30.58
C ASN A 88 -16.15 14.92 30.84
N ASN A 89 -15.60 14.78 32.04
CA ASN A 89 -14.34 15.42 32.42
C ASN A 89 -13.28 14.34 32.56
N TYR A 90 -12.59 14.06 31.46
CA TYR A 90 -11.56 13.04 31.48
C TYR A 90 -10.63 13.12 30.29
N PHE A 91 -9.45 12.56 30.53
CA PHE A 91 -8.44 12.26 29.51
C PHE A 91 -8.33 10.74 29.42
N SER A 92 -8.26 10.23 28.19
CA SER A 92 -8.08 8.79 28.03
C SER A 92 -7.15 8.50 26.87
N ILE A 93 -6.47 7.36 26.94
CA ILE A 93 -5.84 6.74 25.77
C ILE A 93 -6.64 5.49 25.49
N PHE A 94 -7.26 5.41 24.33
CA PHE A 94 -8.19 4.30 24.05
C PHE A 94 -7.79 3.61 22.76
N MET A 95 -8.30 2.39 22.60
CA MET A 95 -8.11 1.65 21.34
C MET A 95 -9.39 0.95 20.96
N ARG A 96 -9.52 0.60 19.69
CA ARG A 96 -10.62 -0.20 19.19
C ARG A 96 -10.10 -1.56 18.71
N ASP A 97 -10.99 -2.55 18.64
CA ASP A 97 -10.59 -3.86 18.13
C ASP A 97 -10.31 -3.84 16.63
N SER A 98 -10.52 -2.69 15.98
CA SER A 98 -10.07 -2.49 14.59
C SER A 98 -8.60 -2.17 14.50
N GLY A 99 -7.97 -1.89 15.62
CA GLY A 99 -6.58 -1.49 15.63
C GLY A 99 -6.36 0.01 15.71
N GLU A 100 -7.46 0.75 15.83
N GLU A 100 -7.46 0.75 15.83
CA GLU A 100 -7.41 2.19 16.01
CA GLU A 100 -7.41 2.21 15.99
C GLU A 100 -6.87 2.53 17.40
C GLU A 100 -6.91 2.56 17.39
N ILE A 101 -6.10 3.62 17.46
CA ILE A 101 -5.61 4.17 18.72
C ILE A 101 -6.04 5.63 18.76
N GLY A 102 -6.34 6.13 19.96
CA GLY A 102 -6.71 7.53 20.08
C GLY A 102 -6.64 8.06 21.49
N VAL A 103 -6.92 9.35 21.62
CA VAL A 103 -7.11 10.00 22.92
C VAL A 103 -8.38 10.83 22.92
N GLU A 104 -8.95 10.98 24.12
CA GLU A 104 -9.95 12.00 24.37
C GLU A 104 -9.41 12.94 25.43
N ILE A 105 -9.73 14.23 25.29
CA ILE A 105 -9.36 15.23 26.29
C ILE A 105 -10.57 16.13 26.44
N ARG A 106 -11.26 15.97 27.57
CA ARG A 106 -12.61 16.50 27.73
C ARG A 106 -12.77 17.26 29.06
N ASP A 107 -13.34 18.45 28.99
CA ASP A 107 -13.66 19.22 30.19
C ASP A 107 -14.92 20.02 29.88
N ALA A 108 -16.02 19.64 30.52
CA ALA A 108 -17.33 20.24 30.24
C ALA A 108 -17.41 21.73 30.63
N GLN A 109 -16.70 22.11 31.68
CA GLN A 109 -16.72 23.51 32.12
C GLN A 109 -15.99 24.39 31.12
N LYS A 110 -14.94 23.85 30.51
CA LYS A 110 -14.19 24.57 29.47
C LYS A 110 -14.84 24.44 28.10
N GLY A 111 -15.80 23.52 27.94
CA GLY A 111 -16.46 23.29 26.66
C GLY A 111 -15.53 22.66 25.64
N ILE A 112 -14.63 21.80 26.12
CA ILE A 112 -13.63 21.19 25.26
C ILE A 112 -13.86 19.68 25.21
N ASN A 113 -13.93 19.14 24.00
CA ASN A 113 -14.09 17.71 23.82
C ASN A 113 -13.23 17.26 22.66
N TYR A 114 -11.93 17.17 22.89
CA TYR A 114 -11.00 16.78 21.85
C TYR A 114 -10.99 15.27 21.71
N LEU A 115 -10.99 14.82 20.45
CA LEU A 115 -10.82 13.40 20.16
C LEU A 115 -9.89 13.34 18.97
N PHE A 116 -8.75 12.70 19.16
CA PHE A 116 -7.78 12.53 18.10
C PHE A 116 -7.50 11.05 17.99
N SER A 117 -7.46 10.53 16.77
CA SER A 117 -7.24 9.09 16.61
C SER A 117 -6.72 8.80 15.23
N ARG A 118 -6.21 7.58 15.06
CA ARG A 118 -5.94 7.09 13.72
C ARG A 118 -6.22 5.60 13.65
N PRO A 119 -7.01 5.17 12.65
CA PRO A 119 -7.18 3.73 12.43
C PRO A 119 -5.86 2.99 12.20
N ALA A 120 -5.93 1.67 12.33
CA ALA A 120 -4.89 0.77 11.88
C ALA A 120 -3.51 1.20 12.41
N SER A 121 -3.43 1.40 13.72
CA SER A 121 -2.18 1.85 14.36
C SER A 121 -1.43 0.79 15.18
N LEU A 122 -2.06 -0.37 15.38
CA LEU A 122 -1.60 -1.39 16.34
C LEU A 122 -1.34 -2.75 15.70
N TRP A 123 -0.47 -3.51 16.38
CA TRP A 123 -0.31 -4.97 16.19
C TRP A 123 -0.98 -5.71 17.34
N GLY A 124 -1.47 -6.93 17.07
CA GLY A 124 -2.11 -7.76 18.06
C GLY A 124 -1.24 -8.95 18.41
N LYS A 125 -1.00 -9.80 17.41
CA LYS A 125 -0.18 -10.99 17.58
C LYS A 125 0.69 -11.19 16.35
N HIS A 126 1.78 -11.92 16.53
CA HIS A 126 2.72 -12.25 15.47
C HIS A 126 3.34 -13.59 15.87
N LYS A 127 3.35 -14.54 14.94
CA LYS A 127 3.79 -15.90 15.22
C LYS A 127 3.07 -16.50 16.44
N GLY A 128 1.78 -16.18 16.53
CA GLY A 128 0.90 -16.72 17.58
C GLY A 128 1.10 -16.13 18.97
N GLN A 129 1.95 -15.11 19.09
CA GLN A 129 2.25 -14.50 20.40
C GLN A 129 1.84 -13.04 20.41
N ALA A 130 1.33 -12.55 21.54
CA ALA A 130 0.95 -11.15 21.64
C ALA A 130 2.15 -10.23 21.40
N VAL A 131 1.94 -9.19 20.60
CA VAL A 131 2.98 -8.20 20.28
C VAL A 131 3.01 -7.10 21.33
N GLU A 132 4.21 -6.70 21.73
CA GLU A 132 4.36 -5.58 22.66
C GLU A 132 4.40 -4.31 21.81
N ASN A 133 3.30 -3.55 21.87
CA ASN A 133 3.21 -2.25 21.19
C ASN A 133 3.85 -1.18 22.07
N THR A 134 4.59 -0.25 21.47
CA THR A 134 5.23 0.83 22.20
C THR A 134 4.54 2.12 21.82
N LEU A 135 3.77 2.69 22.76
CA LEU A 135 3.00 3.89 22.53
C LEU A 135 3.68 5.09 23.22
N VAL A 136 3.78 6.20 22.52
CA VAL A 136 4.33 7.43 23.07
C VAL A 136 3.37 8.57 22.76
N PHE A 137 2.80 9.16 23.81
CA PHE A 137 1.89 10.28 23.65
C PHE A 137 2.50 11.54 24.25
N VAL A 138 2.60 12.59 23.46
CA VAL A 138 3.23 13.84 23.90
C VAL A 138 2.19 14.96 23.88
N SER A 139 1.98 15.55 25.05
CA SER A 139 1.06 16.69 25.23
C SER A 139 1.91 17.92 25.52
N ASP A 140 2.00 18.79 24.53
CA ASP A 140 2.99 19.87 24.50
C ASP A 140 2.28 21.22 24.56
N SER A 141 2.33 21.86 25.72
CA SER A 141 1.62 23.12 25.93
C SER A 141 2.26 24.28 25.18
N LYS A 142 3.59 24.23 25.02
CA LYS A 142 4.33 25.28 24.31
C LYS A 142 3.86 25.39 22.87
N ASP A 143 3.80 24.26 22.17
CA ASP A 143 3.38 24.25 20.76
C ASP A 143 1.87 23.98 20.62
N LYS A 144 1.17 23.82 21.74
CA LYS A 144 -0.27 23.51 21.75
C LYS A 144 -0.61 22.30 20.89
N THR A 145 0.21 21.25 20.99
CA THR A 145 0.13 20.11 20.07
C THR A 145 0.12 18.79 20.83
N TYR A 146 -0.76 17.90 20.38
CA TYR A 146 -0.84 16.54 20.92
C TYR A 146 -0.38 15.58 19.84
N THR A 147 0.62 14.76 20.14
CA THR A 147 1.22 13.87 19.16
C THR A 147 1.24 12.44 19.69
N MET A 148 0.89 11.48 18.84
N MET A 148 0.87 11.48 18.85
CA MET A 148 0.87 10.06 19.19
CA MET A 148 0.96 10.09 19.24
C MET A 148 1.78 9.29 18.25
C MET A 148 1.80 9.30 18.25
N TYR A 149 2.67 8.47 18.81
CA TYR A 149 3.48 7.50 18.08
C TYR A 149 3.12 6.11 18.58
N VAL A 150 3.02 5.14 17.68
CA VAL A 150 2.92 3.73 18.08
C VAL A 150 3.93 2.95 17.26
N ASN A 151 4.77 2.18 17.93
CA ASN A 151 5.74 1.34 17.23
C ASN A 151 6.68 2.14 16.33
N GLY A 152 7.01 3.34 16.82
CA GLY A 152 7.94 4.23 16.13
C GLY A 152 7.37 5.05 14.98
N ILE A 153 6.06 4.96 14.80
CA ILE A 153 5.40 5.63 13.71
C ILE A 153 4.49 6.70 14.27
N GLU A 154 4.66 7.92 13.79
CA GLU A 154 3.77 8.99 14.18
C GLU A 154 2.43 8.74 13.51
N VAL A 155 1.38 8.60 14.31
CA VAL A 155 0.05 8.30 13.75
C VAL A 155 -0.91 9.51 13.78
N PHE A 156 -0.67 10.49 14.67
CA PHE A 156 -1.31 11.81 14.56
C PHE A 156 -0.52 12.89 15.30
N SER A 157 -0.70 14.12 14.85
CA SER A 157 -0.10 15.29 15.50
C SER A 157 -1.08 16.42 15.28
N GLU A 158 -1.71 16.88 16.36
CA GLU A 158 -2.80 17.84 16.24
C GLU A 158 -2.54 19.07 17.09
N THR A 159 -2.55 20.23 16.43
CA THR A 159 -2.39 21.53 17.08
C THR A 159 -3.78 22.11 17.27
N VAL A 160 -4.01 22.65 18.47
CA VAL A 160 -5.31 23.22 18.82
C VAL A 160 -5.15 24.70 19.14
N ASP A 161 -6.27 25.43 19.03
CA ASP A 161 -6.28 26.86 19.35
C ASP A 161 -6.25 27.07 20.87
N THR A 162 -7.06 26.30 21.59
CA THR A 162 -7.10 26.39 23.04
C THR A 162 -6.55 25.10 23.62
N PHE A 163 -5.33 25.16 24.15
CA PHE A 163 -4.71 23.96 24.69
C PHE A 163 -5.38 23.54 25.99
N LEU A 164 -5.51 22.23 26.21
CA LEU A 164 -6.02 21.66 27.45
C LEU A 164 -4.97 20.70 28.01
N PRO A 165 -4.18 21.15 29.00
CA PRO A 165 -3.26 20.25 29.65
C PRO A 165 -4.01 19.08 30.28
N ILE A 166 -3.46 17.89 30.16
CA ILE A 166 -4.23 16.71 30.57
C ILE A 166 -4.58 16.72 32.08
N SER A 167 -3.74 17.39 32.90
CA SER A 167 -3.99 17.59 34.36
C SER A 167 -4.98 18.67 34.71
N ASN A 168 -5.29 19.54 33.76
CA ASN A 168 -6.10 20.72 34.03
C ASN A 168 -7.58 20.51 33.84
N ILE A 169 -7.97 19.26 33.58
CA ILE A 169 -9.39 18.94 33.51
C ILE A 169 -9.99 19.16 34.90
N ASN A 170 -11.07 19.92 34.95
N ASN A 170 -11.07 19.92 34.96
CA ASN A 170 -11.69 20.33 36.20
CA ASN A 170 -11.67 20.31 36.22
C ASN A 170 -12.07 19.13 37.08
C ASN A 170 -12.06 19.11 37.08
N GLY A 171 -11.46 19.05 38.26
CA GLY A 171 -11.85 18.08 39.28
C GLY A 171 -11.31 16.67 39.14
N ILE A 172 -10.26 16.49 38.34
N ILE A 172 -10.27 16.48 38.34
CA ILE A 172 -9.66 15.16 38.21
CA ILE A 172 -9.65 15.17 38.23
C ILE A 172 -9.36 14.62 39.60
C ILE A 172 -9.38 14.62 39.63
N ASP A 173 -9.82 13.40 39.88
CA ASP A 173 -9.53 12.70 41.15
C ASP A 173 -9.22 11.20 41.01
N LYS A 174 -9.13 10.70 39.78
CA LYS A 174 -8.75 9.31 39.55
C LYS A 174 -7.74 9.17 38.43
N ALA A 175 -6.72 8.33 38.63
CA ALA A 175 -5.84 7.86 37.55
C ALA A 175 -6.06 6.34 37.50
N THR A 176 -6.31 5.84 36.30
CA THR A 176 -6.83 4.47 36.13
C THR A 176 -6.15 3.77 34.95
N LEU A 177 -5.82 2.49 35.14
CA LEU A 177 -5.38 1.62 34.03
C LEU A 177 -6.53 0.69 33.67
N GLY A 178 -6.83 0.56 32.38
CA GLY A 178 -7.80 -0.43 31.90
C GLY A 178 -9.25 -0.04 31.99
N ALA A 179 -9.52 1.24 32.23
CA ALA A 179 -10.87 1.81 32.26
C ALA A 179 -10.76 3.30 32.43
N VAL A 180 -11.87 3.99 32.26
CA VAL A 180 -12.06 5.37 32.71
C VAL A 180 -13.13 5.30 33.79
N ASN A 181 -12.85 5.87 34.95
CA ASN A 181 -13.81 5.92 36.07
C ASN A 181 -14.71 7.14 35.88
N ARG A 182 -15.97 6.89 35.53
CA ARG A 182 -16.93 7.96 35.33
C ARG A 182 -18.09 7.73 36.29
N GLU A 183 -18.36 8.73 37.13
CA GLU A 183 -19.40 8.65 38.17
C GLU A 183 -19.28 7.36 39.01
N GLY A 184 -18.04 6.99 39.30
CA GLY A 184 -17.75 5.82 40.14
C GLY A 184 -17.84 4.47 39.48
N LYS A 185 -18.10 4.43 38.17
CA LYS A 185 -18.26 3.18 37.45
C LYS A 185 -17.12 3.02 36.43
N GLU A 186 -16.73 1.77 36.17
CA GLU A 186 -15.68 1.49 35.21
C GLU A 186 -16.23 1.48 33.80
N HIS A 187 -15.85 2.44 32.97
CA HIS A 187 -16.26 2.49 31.58
C HIS A 187 -15.12 2.06 30.69
N TYR A 188 -15.45 1.52 29.53
CA TYR A 188 -14.46 1.18 28.51
C TYR A 188 -13.44 0.19 29.07
N LEU A 189 -13.92 -0.81 29.78
CA LEU A 189 -13.04 -1.82 30.37
C LEU A 189 -12.17 -2.50 29.33
N ALA A 190 -10.91 -2.71 29.71
CA ALA A 190 -9.91 -3.30 28.80
C ALA A 190 -9.57 -4.75 29.12
N LYS A 191 -9.29 -5.50 28.05
CA LYS A 191 -8.60 -6.76 28.13
C LYS A 191 -7.25 -6.61 27.45
N GLY A 192 -6.19 -6.88 28.21
CA GLY A 192 -4.82 -6.81 27.71
C GLY A 192 -3.86 -6.73 28.89
N SER A 193 -2.67 -6.20 28.64
CA SER A 193 -1.70 -5.98 29.71
C SER A 193 -0.85 -4.76 29.39
N ILE A 194 -0.42 -4.08 30.44
CA ILE A 194 0.51 -2.97 30.32
C ILE A 194 1.78 -3.42 30.99
N ASP A 195 2.78 -3.75 30.20
CA ASP A 195 4.02 -4.30 30.70
C ASP A 195 4.88 -3.20 31.33
N GLU A 196 4.77 -1.98 30.79
CA GLU A 196 5.42 -0.83 31.39
C GLU A 196 4.65 0.44 31.06
N ILE A 197 4.58 1.34 32.02
CA ILE A 197 4.02 2.67 31.77
C ILE A 197 4.85 3.69 32.54
N SER A 198 5.19 4.79 31.87
CA SER A 198 5.94 5.88 32.48
C SER A 198 5.29 7.20 32.11
N LEU A 199 5.26 8.13 33.05
CA LEU A 199 4.85 9.49 32.74
C LEU A 199 5.92 10.49 33.12
N PHE A 200 5.97 11.56 32.33
CA PHE A 200 6.97 12.61 32.48
C PHE A 200 6.26 13.96 32.50
N ASN A 201 6.71 14.88 33.35
CA ASN A 201 6.23 16.27 33.32
C ASN A 201 7.06 17.10 32.32
N LYS A 202 7.11 16.65 31.08
CA LYS A 202 7.80 17.32 29.99
C LYS A 202 7.22 16.79 28.70
N ALA A 203 7.19 17.61 27.66
CA ALA A 203 6.93 17.15 26.30
C ALA A 203 8.29 16.79 25.74
N ILE A 204 8.57 15.50 25.62
CA ILE A 204 9.87 15.08 25.09
C ILE A 204 9.94 15.41 23.59
N SER A 205 11.14 15.68 23.09
CA SER A 205 11.33 16.04 21.68
C SER A 205 11.17 14.83 20.76
N ASP A 206 10.85 15.07 19.50
CA ASP A 206 10.78 14.01 18.48
C ASP A 206 12.09 13.22 18.45
N GLN A 207 13.20 13.90 18.75
CA GLN A 207 14.51 13.26 18.77
C GLN A 207 14.62 12.32 19.96
N GLU A 208 14.19 12.78 21.14
CA GLU A 208 14.14 11.92 22.32
C GLU A 208 13.21 10.73 22.07
N VAL A 209 12.07 10.98 21.44
CA VAL A 209 11.13 9.91 21.13
C VAL A 209 11.83 8.79 20.33
N SER A 210 12.65 9.19 19.36
CA SER A 210 13.33 8.23 18.48
C SER A 210 14.32 7.32 19.24
N THR A 211 14.71 7.72 20.45
CA THR A 211 15.61 6.91 21.28
C THR A 211 14.92 5.83 22.12
N ILE A 212 13.58 5.86 22.21
CA ILE A 212 12.85 4.86 23.00
C ILE A 212 12.93 3.50 22.29
N PRO A 213 13.37 2.45 23.00
CA PRO A 213 13.46 1.13 22.40
C PRO A 213 12.11 0.59 21.96
N LEU A 214 12.11 -0.16 20.86
CA LEU A 214 10.90 -0.75 20.30
C LEU A 214 11.00 -2.26 20.24
N SER A 215 9.85 -2.93 20.20
CA SER A 215 9.80 -4.38 20.09
C SER A 215 8.94 -4.74 18.89
N ASN A 216 9.25 -4.16 17.73
CA ASN A 216 8.38 -4.30 16.56
C ASN A 216 8.48 -5.65 15.88
N PRO A 217 7.34 -6.23 15.46
CA PRO A 217 7.35 -7.47 14.69
C PRO A 217 7.60 -7.28 13.19
N PHE A 218 7.68 -6.02 12.76
CA PHE A 218 7.74 -5.65 11.34
C PHE A 218 8.89 -4.70 11.06
N GLN A 219 9.18 -4.57 9.76
CA GLN A 219 10.11 -3.58 9.22
C GLN A 219 9.41 -2.71 8.19
N LEU A 220 10.00 -1.56 7.89
CA LEU A 220 9.56 -0.75 6.77
C LEU A 220 10.60 -0.74 5.67
N ILE A 221 10.15 -0.95 4.45
CA ILE A 221 10.98 -0.90 3.24
C ILE A 221 10.84 0.49 2.63
N PHE A 222 9.58 0.89 2.41
CA PHE A 222 9.21 2.24 1.96
C PHE A 222 8.54 2.93 3.14
N GLN A 223 8.83 4.22 3.33
CA GLN A 223 8.28 4.94 4.48
C GLN A 223 8.29 6.45 4.27
N SER A 224 7.43 7.15 4.98
CA SER A 224 7.36 8.60 4.84
C SER A 224 8.68 9.26 5.17
N GLY A 225 9.10 10.16 4.28
CA GLY A 225 10.33 10.90 4.46
C GLY A 225 11.54 10.29 3.79
N ASP A 226 11.37 9.12 3.18
CA ASP A 226 12.45 8.48 2.42
C ASP A 226 12.66 9.21 1.09
N SER A 227 13.53 8.65 0.24
CA SER A 227 13.91 9.26 -1.01
C SER A 227 12.78 9.48 -1.99
N THR A 228 11.66 8.80 -1.82
CA THR A 228 10.55 8.99 -2.75
C THR A 228 9.82 10.30 -2.49
N GLN A 229 9.86 10.73 -1.24
CA GLN A 229 9.10 11.89 -0.72
C GLN A 229 7.58 11.75 -0.89
N ALA A 230 7.13 10.51 -1.08
CA ALA A 230 5.70 10.19 -1.01
C ALA A 230 5.33 9.93 0.43
N ASN A 231 4.21 10.48 0.90
CA ASN A 231 3.78 10.23 2.26
C ASN A 231 2.91 8.98 2.41
N TYR A 232 2.55 8.39 1.27
CA TYR A 232 1.68 7.20 1.23
C TYR A 232 2.26 6.18 0.25
N PHE A 233 1.93 4.91 0.52
CA PHE A 233 2.28 3.80 -0.35
C PHE A 233 1.12 2.82 -0.41
N ARG A 234 1.00 2.17 -1.57
CA ARG A 234 0.08 1.04 -1.76
C ARG A 234 0.66 0.10 -2.81
N ILE A 235 0.06 -1.10 -2.90
CA ILE A 235 0.31 -2.04 -3.99
C ILE A 235 1.75 -2.59 -3.96
N PRO A 236 2.09 -3.28 -2.86
CA PRO A 236 3.45 -3.85 -2.73
C PRO A 236 3.72 -5.03 -3.65
N THR A 237 4.98 -5.23 -4.01
CA THR A 237 5.40 -6.45 -4.71
C THR A 237 6.71 -6.92 -4.09
N LEU A 238 7.01 -8.20 -4.30
CA LEU A 238 8.28 -8.80 -3.90
C LEU A 238 8.66 -9.86 -4.92
N TYR A 239 9.94 -9.99 -5.20
CA TYR A 239 10.43 -11.05 -6.10
C TYR A 239 11.85 -11.40 -5.72
N THR A 240 12.14 -12.70 -5.58
CA THR A 240 13.50 -13.15 -5.27
C THR A 240 14.28 -13.42 -6.55
N LEU A 241 15.40 -12.72 -6.73
CA LEU A 241 16.21 -12.81 -7.94
C LEU A 241 17.25 -13.92 -7.77
N SER A 242 17.78 -14.36 -8.90
CA SER A 242 18.67 -15.49 -8.96
C SER A 242 19.96 -15.27 -8.19
N SER A 243 20.38 -14.01 -8.08
CA SER A 243 21.58 -13.67 -7.30
C SER A 243 21.38 -13.82 -5.80
N GLY A 244 20.12 -13.89 -5.36
CA GLY A 244 19.78 -13.92 -3.93
C GLY A 244 19.23 -12.57 -3.46
N ARG A 245 19.38 -11.55 -4.30
CA ARG A 245 18.80 -10.24 -4.03
C ARG A 245 17.29 -10.38 -4.06
N VAL A 246 16.61 -9.70 -3.13
CA VAL A 246 15.15 -9.68 -3.08
C VAL A 246 14.76 -8.27 -3.48
N LEU A 247 13.86 -8.17 -4.45
CA LEU A 247 13.45 -6.87 -5.00
C LEU A 247 12.00 -6.61 -4.64
N SER A 248 11.69 -5.33 -4.38
CA SER A 248 10.33 -4.91 -4.07
C SER A 248 10.00 -3.70 -4.89
N SER A 249 8.78 -3.65 -5.42
CA SER A 249 8.26 -2.42 -6.03
C SER A 249 6.97 -2.02 -5.33
N ILE A 250 6.60 -0.76 -5.53
CA ILE A 250 5.43 -0.21 -4.84
C ILE A 250 4.92 1.00 -5.55
N ASP A 251 3.65 1.33 -5.32
CA ASP A 251 3.12 2.65 -5.69
C ASP A 251 3.54 3.66 -4.61
N ALA A 252 4.37 4.63 -5.00
CA ALA A 252 4.63 5.81 -4.17
C ALA A 252 3.51 6.81 -4.48
N ARG A 253 2.55 6.90 -3.55
CA ARG A 253 1.31 7.65 -3.76
C ARG A 253 1.40 8.99 -3.03
N TYR A 254 1.36 10.08 -3.82
CA TYR A 254 1.62 11.41 -3.26
C TYR A 254 0.36 12.09 -2.72
N GLY A 255 -0.72 11.99 -3.48
CA GLY A 255 -1.97 12.67 -3.15
C GLY A 255 -2.85 11.81 -2.26
N GLY A 256 -2.38 11.46 -1.06
CA GLY A 256 -3.10 10.52 -0.22
C GLY A 256 -3.03 9.13 -0.83
N THR A 257 -3.86 8.20 -0.33
CA THR A 257 -3.84 6.82 -0.82
C THR A 257 -4.75 6.58 -2.05
N HIS A 258 -5.34 7.62 -2.59
CA HIS A 258 -6.20 7.48 -3.75
C HIS A 258 -5.51 6.80 -4.93
N ASP A 259 -6.26 6.00 -5.67
CA ASP A 259 -5.81 5.50 -6.96
C ASP A 259 -5.75 6.66 -7.95
N SER A 260 -5.11 6.43 -9.10
CA SER A 260 -5.21 7.40 -10.21
C SER A 260 -6.68 7.68 -10.50
N LYS A 261 -7.05 8.90 -10.90
CA LYS A 261 -6.17 10.05 -11.15
C LYS A 261 -5.48 10.53 -9.89
N SER A 262 -4.16 10.74 -9.98
CA SER A 262 -3.40 11.22 -8.82
C SER A 262 -1.99 11.55 -9.30
N LYS A 263 -1.07 11.83 -8.37
CA LYS A 263 0.36 11.72 -8.66
C LYS A 263 0.82 10.47 -7.93
N ILE A 264 1.33 9.52 -8.72
CA ILE A 264 1.90 8.26 -8.25
C ILE A 264 3.08 7.91 -9.14
N ASN A 265 4.18 7.51 -8.50
CA ASN A 265 5.36 6.95 -9.19
C ASN A 265 5.52 5.51 -8.73
N ILE A 266 6.29 4.71 -9.50
CA ILE A 266 6.67 3.37 -9.05
C ILE A 266 8.07 3.43 -8.49
N ALA A 267 8.23 3.00 -7.24
CA ALA A 267 9.53 2.98 -6.56
C ALA A 267 9.95 1.52 -6.31
N THR A 268 11.27 1.33 -6.18
CA THR A 268 11.81 0.01 -5.88
C THR A 268 12.88 0.10 -4.80
N SER A 269 13.09 -1.03 -4.13
CA SER A 269 14.14 -1.19 -3.12
C SER A 269 14.53 -2.65 -3.13
N TYR A 270 15.77 -2.96 -2.74
CA TYR A 270 16.18 -4.39 -2.70
C TYR A 270 16.95 -4.71 -1.42
N SER A 271 17.00 -6.00 -1.11
CA SER A 271 17.76 -6.52 0.04
C SER A 271 18.70 -7.61 -0.41
N ASP A 272 19.93 -7.52 0.09
CA ASP A 272 20.96 -8.53 -0.18
C ASP A 272 21.29 -9.41 1.03
N ASP A 273 20.46 -9.31 2.07
CA ASP A 273 20.68 -10.09 3.30
C ASP A 273 19.38 -10.77 3.79
N ASN A 274 18.64 -11.31 2.84
N ASN A 274 18.67 -11.42 2.88
CA ASN A 274 17.44 -12.08 3.09
CA ASN A 274 17.45 -12.15 3.23
C ASN A 274 16.38 -11.26 3.79
C ASN A 274 16.43 -11.22 3.90
N GLY A 275 16.33 -9.99 3.41
CA GLY A 275 15.31 -9.06 3.90
C GLY A 275 15.58 -8.37 5.21
N LYS A 276 16.74 -8.58 5.82
CA LYS A 276 17.05 -7.91 7.06
C LYS A 276 17.22 -6.39 6.89
N THR A 277 17.85 -5.97 5.79
CA THR A 277 17.96 -4.54 5.46
C THR A 277 17.64 -4.30 3.99
N TRP A 278 17.22 -3.09 3.69
CA TRP A 278 16.74 -2.67 2.38
C TRP A 278 17.41 -1.40 1.92
N SER A 279 17.62 -1.29 0.62
CA SER A 279 18.25 -0.12 0.05
C SER A 279 17.36 1.11 0.06
N GLU A 280 17.95 2.30 -0.03
N GLU A 280 17.95 2.31 -0.03
CA GLU A 280 17.15 3.52 -0.16
CA GLU A 280 17.16 3.52 -0.20
C GLU A 280 16.39 3.40 -1.48
C GLU A 280 16.39 3.40 -1.51
N PRO A 281 15.07 3.65 -1.48
CA PRO A 281 14.34 3.53 -2.73
C PRO A 281 14.82 4.40 -3.89
N ILE A 282 14.63 3.89 -5.11
CA ILE A 282 14.78 4.65 -6.32
C ILE A 282 13.47 4.55 -7.10
N PHE A 283 13.36 5.32 -8.16
CA PHE A 283 12.20 5.21 -9.02
C PHE A 283 12.44 4.28 -10.19
N ALA A 284 11.47 3.42 -10.47
CA ALA A 284 11.44 2.64 -11.70
C ALA A 284 10.70 3.36 -12.81
N MET A 285 9.61 4.06 -12.44
CA MET A 285 8.85 4.88 -13.39
C MET A 285 8.42 6.14 -12.67
N LYS A 286 8.66 7.29 -13.27
CA LYS A 286 8.25 8.54 -12.67
C LYS A 286 7.91 9.59 -13.70
N PHE A 287 7.03 10.51 -13.32
CA PHE A 287 6.72 11.68 -14.12
C PHE A 287 7.07 12.93 -13.31
N ASN A 288 7.34 14.05 -14.00
CA ASN A 288 7.78 15.26 -13.32
C ASN A 288 6.90 16.47 -13.59
N ASP A 289 5.71 16.23 -14.14
CA ASP A 289 4.74 17.32 -14.32
C ASP A 289 4.29 17.95 -13.01
N TYR A 290 4.27 17.15 -11.94
CA TYR A 290 3.97 17.62 -10.58
C TYR A 290 5.17 17.29 -9.69
N GLU A 291 5.46 18.20 -8.77
CA GLU A 291 6.49 18.01 -7.77
C GLU A 291 6.29 16.77 -6.92
N GLU A 292 7.38 16.14 -6.49
N GLU A 292 7.39 16.11 -6.55
CA GLU A 292 7.34 15.08 -5.49
CA GLU A 292 7.37 15.13 -5.48
C GLU A 292 7.23 15.72 -4.11
C GLU A 292 7.20 15.92 -4.20
N GLN A 293 5.99 15.88 -3.63
CA GLN A 293 5.71 16.56 -2.36
C GLN A 293 5.24 15.59 -1.30
N LEU A 294 5.82 15.70 -0.11
N LEU A 294 5.84 15.70 -0.12
CA LEU A 294 5.40 14.93 1.06
CA LEU A 294 5.42 14.99 1.07
C LEU A 294 4.31 15.74 1.76
C LEU A 294 4.29 15.83 1.65
N VAL A 295 3.06 15.35 1.52
CA VAL A 295 1.89 16.10 1.95
C VAL A 295 1.06 15.33 2.93
N TYR A 296 0.54 16.03 3.94
N TYR A 296 0.64 16.01 4.00
CA TYR A 296 -0.35 15.40 4.91
CA TYR A 296 -0.36 15.48 4.89
C TYR A 296 -1.78 15.57 4.42
C TYR A 296 -1.67 15.63 4.14
N TRP A 297 -2.30 14.52 3.79
CA TRP A 297 -3.58 14.57 3.09
C TRP A 297 -4.70 14.61 4.13
N PRO A 298 -5.68 15.51 3.93
CA PRO A 298 -6.75 15.62 4.92
C PRO A 298 -7.58 14.35 5.08
N ARG A 299 -7.95 14.06 6.31
CA ARG A 299 -8.74 12.86 6.60
C ARG A 299 -10.16 13.19 7.05
N ASP A 300 -10.51 14.46 7.12
CA ASP A 300 -11.86 14.85 7.53
C ASP A 300 -12.85 14.49 6.43
N ASN A 301 -14.11 14.34 6.79
CA ASN A 301 -15.11 13.89 5.82
C ASN A 301 -15.37 14.86 4.65
N LYS A 302 -15.19 16.16 4.87
CA LYS A 302 -15.43 17.14 3.82
C LYS A 302 -14.34 17.14 2.75
N LEU A 303 -13.09 16.89 3.18
CA LEU A 303 -11.92 17.05 2.28
C LEU A 303 -11.19 15.78 1.88
N LYS A 304 -11.51 14.66 2.53
CA LYS A 304 -10.71 13.43 2.29
C LYS A 304 -10.78 12.93 0.84
N ASN A 305 -11.83 13.26 0.12
CA ASN A 305 -11.93 12.86 -1.28
C ASN A 305 -11.13 13.75 -2.23
N SER A 306 -10.50 14.80 -1.70
CA SER A 306 -9.63 15.65 -2.50
C SER A 306 -8.64 14.76 -3.23
N GLN A 307 -8.50 14.98 -4.53
CA GLN A 307 -7.71 14.09 -5.35
C GLN A 307 -6.96 14.92 -6.40
N ILE A 308 -5.66 14.67 -6.50
CA ILE A 308 -4.86 15.38 -7.51
C ILE A 308 -5.38 15.05 -8.91
N SER A 309 -5.77 16.08 -9.64
CA SER A 309 -6.59 15.93 -10.85
C SER A 309 -5.94 16.32 -12.18
N GLY A 310 -4.74 16.89 -12.13
CA GLY A 310 -4.04 17.32 -13.34
C GLY A 310 -2.69 16.66 -13.58
N SER A 311 -2.37 15.64 -12.79
CA SER A 311 -1.09 14.92 -12.87
C SER A 311 -1.21 13.60 -13.62
N ALA A 312 -0.16 13.30 -14.38
CA ALA A 312 0.06 11.97 -14.91
C ALA A 312 0.55 11.06 -13.79
N SER A 313 0.36 9.75 -13.97
CA SER A 313 0.71 8.80 -12.91
C SER A 313 0.99 7.41 -13.49
N PHE A 314 1.65 6.61 -12.65
CA PHE A 314 1.78 5.15 -12.83
C PHE A 314 1.07 4.45 -11.69
N ILE A 315 0.63 3.23 -11.93
CA ILE A 315 -0.16 2.54 -10.94
C ILE A 315 -0.14 1.05 -11.21
N ASP A 316 0.01 0.27 -10.13
CA ASP A 316 -0.07 -1.17 -10.17
C ASP A 316 1.10 -1.82 -10.92
N SER A 317 2.18 -2.09 -10.18
CA SER A 317 3.38 -2.66 -10.79
C SER A 317 3.49 -4.16 -10.60
N SER A 318 4.34 -4.78 -11.42
CA SER A 318 4.58 -6.24 -11.35
C SER A 318 5.99 -6.51 -11.88
N ILE A 319 6.65 -7.48 -11.25
N ILE A 319 6.67 -7.48 -11.28
CA ILE A 319 8.07 -7.80 -11.53
CA ILE A 319 8.06 -7.73 -11.60
C ILE A 319 8.23 -9.24 -11.97
C ILE A 319 8.30 -9.21 -11.91
N VAL A 320 9.20 -9.45 -12.86
CA VAL A 320 9.68 -10.80 -13.18
C VAL A 320 11.17 -10.71 -13.50
N GLU A 321 11.87 -11.84 -13.37
CA GLU A 321 13.26 -11.92 -13.79
C GLU A 321 13.35 -12.84 -14.99
N ASP A 322 14.16 -12.45 -15.98
CA ASP A 322 14.41 -13.29 -17.16
C ASP A 322 15.75 -13.95 -17.08
N LYS A 323 15.75 -15.29 -17.04
CA LYS A 323 16.97 -16.08 -16.97
C LYS A 323 17.90 -15.86 -18.16
N LYS A 324 17.36 -15.90 -19.38
CA LYS A 324 18.24 -15.81 -20.55
C LYS A 324 19.11 -14.56 -20.52
N SER A 325 18.44 -13.41 -20.42
CA SER A 325 19.09 -12.12 -20.59
C SER A 325 19.69 -11.64 -19.28
N GLY A 326 19.19 -12.19 -18.17
CA GLY A 326 19.51 -11.74 -16.83
C GLY A 326 18.78 -10.47 -16.43
N LYS A 327 17.98 -9.90 -17.33
CA LYS A 327 17.22 -8.69 -17.05
C LYS A 327 16.14 -8.89 -16.00
N THR A 328 15.90 -7.83 -15.23
CA THR A 328 14.73 -7.75 -14.37
C THR A 328 13.78 -6.83 -15.11
N ILE A 329 12.51 -7.25 -15.19
CA ILE A 329 11.51 -6.57 -15.99
C ILE A 329 10.36 -6.13 -15.08
N LEU A 330 10.00 -4.86 -15.14
CA LEU A 330 8.92 -4.31 -14.30
C LEU A 330 7.91 -3.66 -15.25
N LEU A 331 6.63 -4.01 -15.07
CA LEU A 331 5.54 -3.41 -15.83
C LEU A 331 4.66 -2.63 -14.85
N ALA A 332 3.94 -1.64 -15.36
CA ALA A 332 2.96 -0.93 -14.57
C ALA A 332 2.01 -0.24 -15.55
N ASP A 333 0.81 0.11 -15.06
CA ASP A 333 -0.11 0.93 -15.84
C ASP A 333 0.41 2.37 -15.90
N VAL A 334 0.17 3.03 -17.03
CA VAL A 334 0.50 4.44 -17.22
C VAL A 334 -0.79 5.21 -17.50
N MET A 335 -0.98 6.28 -16.73
CA MET A 335 -2.15 7.16 -16.82
C MET A 335 -1.73 8.57 -17.22
N PRO A 336 -2.26 9.09 -18.34
CA PRO A 336 -2.03 10.50 -18.69
C PRO A 336 -2.65 11.44 -17.64
N ALA A 337 -2.33 12.72 -17.76
CA ALA A 337 -2.78 13.72 -16.79
C ALA A 337 -4.28 13.63 -16.54
N GLY A 338 -4.65 13.52 -15.28
CA GLY A 338 -6.06 13.55 -14.89
C GLY A 338 -6.84 12.27 -15.15
N ILE A 339 -6.14 11.21 -15.56
CA ILE A 339 -6.80 9.96 -15.90
C ILE A 339 -6.54 8.84 -14.88
N GLY A 340 -7.57 8.02 -14.68
CA GLY A 340 -7.53 6.82 -13.85
C GLY A 340 -8.48 5.81 -14.47
N ASN A 341 -8.63 4.66 -13.82
N ASN A 341 -8.65 4.65 -13.84
CA ASN A 341 -9.50 3.60 -14.35
CA ASN A 341 -9.51 3.62 -14.41
C ASN A 341 -10.95 4.06 -14.53
C ASN A 341 -10.99 4.00 -14.48
N ASN A 342 -11.40 4.97 -13.67
CA ASN A 342 -12.81 5.40 -13.69
C ASN A 342 -13.16 6.26 -14.90
N ASN A 343 -12.18 6.98 -15.45
CA ASN A 343 -12.47 7.91 -16.56
C ASN A 343 -11.66 7.69 -17.84
N ALA A 344 -10.78 6.70 -17.85
CA ALA A 344 -10.10 6.28 -19.07
C ALA A 344 -11.12 5.96 -20.16
N ASN A 345 -10.85 6.39 -21.39
CA ASN A 345 -11.74 6.06 -22.51
C ASN A 345 -11.67 4.58 -22.85
N LYS A 346 -12.73 3.83 -22.58
CA LYS A 346 -12.73 2.39 -22.81
C LYS A 346 -12.73 2.00 -24.29
N ALA A 347 -13.13 2.94 -25.15
CA ALA A 347 -13.30 2.68 -26.56
C ALA A 347 -12.15 3.17 -27.43
N ASP A 348 -11.00 3.45 -26.82
CA ASP A 348 -9.85 3.94 -27.59
C ASP A 348 -8.56 3.47 -26.96
N SER A 349 -7.73 2.78 -27.76
CA SER A 349 -6.44 2.29 -27.29
C SER A 349 -5.39 3.39 -27.20
N GLY A 350 -5.62 4.48 -27.92
CA GLY A 350 -4.64 5.55 -28.06
C GLY A 350 -3.62 5.31 -29.17
N PHE A 351 -3.80 4.23 -29.93
CA PHE A 351 -2.93 3.91 -31.06
C PHE A 351 -3.74 3.88 -32.35
N LYS A 352 -3.08 4.18 -33.47
CA LYS A 352 -3.64 3.99 -34.80
C LYS A 352 -2.90 2.83 -35.44
N GLU A 353 -3.63 1.85 -35.97
CA GLU A 353 -3.00 0.73 -36.67
C GLU A 353 -2.77 1.12 -38.12
N ILE A 354 -1.52 1.03 -38.57
CA ILE A 354 -1.16 1.32 -39.97
C ILE A 354 0.07 0.51 -40.39
N ASN A 355 -0.07 -0.54 -41.19
CA ASN A 355 -1.14 -1.52 -41.10
C ASN A 355 -0.39 -2.74 -40.60
N GLY A 356 -0.84 -3.31 -39.50
CA GLY A 356 -0.05 -4.31 -38.77
C GLY A 356 0.83 -3.71 -37.69
N HIS A 357 1.11 -2.41 -37.77
CA HIS A 357 1.92 -1.71 -36.77
C HIS A 357 1.05 -0.66 -36.08
N TYR A 358 1.22 -0.53 -34.77
CA TYR A 358 0.45 0.45 -34.00
C TYR A 358 1.32 1.65 -33.69
N TYR A 359 0.79 2.84 -33.96
CA TYR A 359 1.48 4.10 -33.73
C TYR A 359 0.68 4.95 -32.76
N LEU A 360 1.39 5.51 -31.77
CA LEU A 360 0.77 6.34 -30.73
C LEU A 360 0.19 7.61 -31.35
N LYS A 361 -1.08 7.89 -31.06
CA LYS A 361 -1.77 9.09 -31.55
C LYS A 361 -1.47 10.31 -30.68
N LEU A 362 -1.44 11.49 -31.29
CA LEU A 362 -1.29 12.74 -30.54
C LEU A 362 -2.29 13.78 -31.00
N LYS A 363 -2.75 14.59 -30.06
CA LYS A 363 -3.60 15.74 -30.36
C LYS A 363 -2.81 17.01 -30.06
N LYS A 364 -2.78 17.94 -31.01
CA LYS A 364 -2.07 19.19 -30.84
C LYS A 364 -3.00 20.25 -30.25
N ASN A 365 -2.48 21.05 -29.33
N ASN A 365 -2.48 21.07 -29.34
CA ASN A 365 -3.21 22.19 -28.76
CA ASN A 365 -3.28 22.11 -28.71
C ASN A 365 -3.94 22.97 -29.84
C ASN A 365 -3.93 23.02 -29.76
N GLY A 366 -5.25 23.18 -29.66
CA GLY A 366 -6.05 23.93 -30.64
C GLY A 366 -6.84 23.06 -31.61
N ASP A 367 -6.43 21.81 -31.75
CA ASP A 367 -7.17 20.85 -32.57
C ASP A 367 -8.21 20.14 -31.72
N ASN A 368 -9.37 19.86 -32.30
CA ASN A 368 -10.39 19.06 -31.62
C ASN A 368 -10.20 17.57 -31.85
N ASP A 369 -9.34 17.21 -32.80
CA ASP A 369 -9.13 15.81 -33.15
C ASP A 369 -7.67 15.42 -32.99
N PHE A 370 -7.43 14.10 -32.99
CA PHE A 370 -6.09 13.53 -32.94
C PHE A 370 -5.53 13.39 -34.36
N ARG A 371 -4.85 14.45 -34.83
CA ARG A 371 -4.36 14.52 -36.21
C ARG A 371 -2.98 13.93 -36.44
N TYR A 372 -2.31 13.53 -35.36
CA TYR A 372 -0.91 13.12 -35.45
C TYR A 372 -0.68 11.71 -34.95
N THR A 373 0.41 11.12 -35.42
CA THR A 373 0.93 9.87 -34.88
C THR A 373 2.43 10.00 -34.67
N VAL A 374 2.95 9.14 -33.81
CA VAL A 374 4.38 9.06 -33.54
C VAL A 374 4.88 7.88 -34.34
N ARG A 375 5.63 8.18 -35.41
CA ARG A 375 6.13 7.14 -36.30
C ARG A 375 7.54 6.74 -35.90
N GLU A 376 8.16 5.93 -36.76
CA GLU A 376 9.54 5.51 -36.58
C GLU A 376 10.48 6.69 -36.25
N ASN A 377 11.40 6.43 -35.33
CA ASN A 377 12.38 7.39 -34.85
C ASN A 377 11.77 8.57 -34.10
N GLY A 378 10.55 8.39 -33.58
CA GLY A 378 9.86 9.44 -32.84
C GLY A 378 9.29 10.57 -33.67
N VAL A 379 9.35 10.46 -35.00
CA VAL A 379 8.86 11.53 -35.86
C VAL A 379 7.35 11.76 -35.69
N VAL A 380 6.97 12.99 -35.35
CA VAL A 380 5.56 13.35 -35.28
C VAL A 380 5.05 13.63 -36.71
N TYR A 381 4.04 12.85 -37.11
CA TYR A 381 3.56 12.81 -38.48
C TYR A 381 2.11 13.30 -38.51
N ASN A 382 1.80 14.20 -39.44
CA ASN A 382 0.45 14.73 -39.58
C ASN A 382 -0.36 13.82 -40.48
N GLU A 383 -1.40 13.22 -39.91
CA GLU A 383 -2.23 12.21 -40.61
C GLU A 383 -3.14 12.84 -41.64
N THR A 384 -3.49 14.11 -41.45
CA THR A 384 -4.39 14.81 -42.35
C THR A 384 -3.69 15.30 -43.61
N THR A 385 -2.44 15.75 -43.47
CA THR A 385 -1.61 16.22 -44.60
C THR A 385 -0.64 15.17 -45.13
N ASN A 386 -0.49 14.05 -44.41
CA ASN A 386 0.48 13.02 -44.75
C ASN A 386 1.90 13.55 -44.93
N LYS A 387 2.35 14.31 -43.94
CA LYS A 387 3.68 14.89 -43.95
C LYS A 387 4.29 14.78 -42.57
N PRO A 388 5.60 14.49 -42.49
CA PRO A 388 6.25 14.62 -41.20
C PRO A 388 6.35 16.11 -40.80
N THR A 389 6.30 16.35 -39.49
CA THR A 389 6.46 17.69 -38.92
C THR A 389 7.90 17.87 -38.45
N ASN A 390 8.22 19.04 -37.90
CA ASN A 390 9.54 19.27 -37.31
C ASN A 390 9.63 18.84 -35.83
N TYR A 391 8.57 18.20 -35.31
CA TYR A 391 8.58 17.70 -33.93
C TYR A 391 8.97 16.24 -33.90
N THR A 392 9.69 15.85 -32.85
CA THR A 392 9.98 14.46 -32.58
C THR A 392 9.69 14.17 -31.11
N ILE A 393 9.36 12.91 -30.84
CA ILE A 393 9.19 12.43 -29.48
C ILE A 393 10.40 11.56 -29.15
N ASN A 394 11.16 11.92 -28.12
CA ASN A 394 12.32 11.15 -27.74
C ASN A 394 11.94 9.88 -26.94
N ASP A 395 12.95 9.13 -26.48
CA ASP A 395 12.69 7.85 -25.79
C ASP A 395 12.08 8.01 -24.40
N LYS A 396 12.03 9.24 -23.89
CA LYS A 396 11.40 9.55 -22.61
C LYS A 396 9.99 10.10 -22.82
N TYR A 397 9.49 9.98 -24.04
CA TYR A 397 8.16 10.51 -24.43
C TYR A 397 8.10 12.03 -24.31
N GLU A 398 9.26 12.68 -24.45
CA GLU A 398 9.36 14.15 -24.41
C GLU A 398 9.34 14.75 -25.81
N VAL A 399 8.82 15.97 -25.91
CA VAL A 399 8.60 16.64 -27.19
C VAL A 399 9.81 17.50 -27.54
N LEU A 400 10.35 17.31 -28.75
CA LEU A 400 11.42 18.16 -29.27
C LEU A 400 10.92 18.87 -30.51
N GLU A 401 11.42 20.07 -30.75
CA GLU A 401 11.10 20.80 -31.99
C GLU A 401 12.41 21.15 -32.67
N GLY A 402 12.60 20.68 -33.89
CA GLY A 402 13.88 20.81 -34.58
C GLY A 402 15.06 20.36 -33.70
N GLY A 403 14.88 19.25 -32.99
CA GLY A 403 15.93 18.72 -32.13
C GLY A 403 16.07 19.33 -30.75
N LYS A 404 15.38 20.44 -30.48
CA LYS A 404 15.50 21.09 -29.18
C LYS A 404 14.34 20.74 -28.24
N SER A 405 14.68 20.55 -26.98
CA SER A 405 13.71 20.11 -25.99
C SER A 405 12.77 21.26 -25.62
N LEU A 406 11.47 21.00 -25.70
CA LEU A 406 10.46 21.92 -25.21
C LEU A 406 10.21 21.62 -23.74
N THR A 407 9.77 22.61 -22.99
CA THR A 407 9.50 22.44 -21.57
C THR A 407 8.08 22.86 -21.20
N VAL A 408 7.66 22.44 -20.02
CA VAL A 408 6.44 22.94 -19.41
C VAL A 408 6.74 23.32 -17.97
N GLU A 409 5.84 24.11 -17.38
CA GLU A 409 6.00 24.52 -16.01
C GLU A 409 5.36 23.48 -15.09
N GLN A 410 6.11 23.09 -14.07
CA GLN A 410 5.67 22.10 -13.09
C GLN A 410 4.57 22.64 -12.21
N TYR A 411 3.72 21.75 -11.71
CA TYR A 411 2.72 22.08 -10.71
C TYR A 411 3.14 21.57 -9.33
N SER A 412 2.65 22.27 -8.33
CA SER A 412 2.65 21.81 -6.93
C SER A 412 1.23 21.86 -6.38
N VAL A 413 1.02 21.14 -5.28
CA VAL A 413 -0.29 21.11 -4.64
C VAL A 413 -0.22 21.59 -3.21
N ASP A 414 -1.31 22.20 -2.74
CA ASP A 414 -1.39 22.66 -1.37
C ASP A 414 -2.83 22.77 -0.93
N PHE A 415 -3.02 22.83 0.39
CA PHE A 415 -4.33 23.02 1.02
C PHE A 415 -4.38 24.32 1.82
N ASP A 416 -3.49 25.26 1.51
CA ASP A 416 -3.38 26.48 2.30
C ASP A 416 -4.66 27.35 2.25
N SER A 417 -5.42 27.25 1.17
CA SER A 417 -6.66 28.01 1.02
C SER A 417 -7.89 27.31 1.64
N GLY A 418 -7.70 26.12 2.21
CA GLY A 418 -8.83 25.32 2.73
C GLY A 418 -9.49 24.34 1.76
N SER A 419 -8.94 24.25 0.55
N SER A 419 -8.94 24.27 0.55
CA SER A 419 -9.28 23.20 -0.38
CA SER A 419 -9.32 23.26 -0.44
C SER A 419 -8.02 22.87 -1.16
C SER A 419 -8.07 22.94 -1.24
N LEU A 420 -8.06 21.81 -1.94
CA LEU A 420 -6.92 21.41 -2.75
C LEU A 420 -6.72 22.43 -3.88
N ARG A 421 -5.50 22.94 -3.99
CA ARG A 421 -5.10 23.80 -5.09
C ARG A 421 -3.93 23.17 -5.84
N GLU A 422 -3.97 23.20 -7.16
CA GLU A 422 -2.93 22.68 -8.03
C GLU A 422 -2.45 23.84 -8.87
N ARG A 423 -1.21 24.25 -8.68
CA ARG A 423 -0.75 25.48 -9.33
C ARG A 423 0.69 25.43 -9.76
N HIS A 424 0.99 26.16 -10.82
CA HIS A 424 2.34 26.22 -11.35
C HIS A 424 3.29 26.76 -10.31
N ASN A 425 4.50 26.21 -10.29
CA ASN A 425 5.46 26.52 -9.24
C ASN A 425 6.77 27.17 -9.72
N GLY A 426 6.83 27.57 -11.00
CA GLY A 426 7.97 28.30 -11.53
C GLY A 426 9.10 27.47 -12.12
N LYS A 427 9.05 26.15 -11.91
CA LYS A 427 10.10 25.26 -12.40
C LYS A 427 9.75 24.67 -13.76
N GLN A 428 10.67 24.76 -14.72
CA GLN A 428 10.50 24.14 -16.03
C GLN A 428 11.01 22.70 -16.00
N VAL A 429 10.24 21.81 -16.62
CA VAL A 429 10.60 20.41 -16.82
C VAL A 429 10.36 20.00 -18.27
N PRO A 430 11.03 18.93 -18.73
CA PRO A 430 10.78 18.50 -20.10
C PRO A 430 9.31 18.23 -20.42
N MET A 431 8.86 18.75 -21.54
CA MET A 431 7.50 18.55 -22.03
C MET A 431 7.28 17.10 -22.44
N ASN A 432 6.39 16.41 -21.73
CA ASN A 432 6.07 15.00 -21.94
C ASN A 432 4.63 14.87 -22.48
N VAL A 433 4.44 13.99 -23.47
CA VAL A 433 3.11 13.82 -24.08
C VAL A 433 2.01 13.30 -23.14
N PHE A 434 2.39 12.83 -21.95
CA PHE A 434 1.42 12.40 -20.94
C PHE A 434 0.97 13.55 -20.05
N TYR A 435 1.53 14.74 -20.25
CA TYR A 435 1.26 15.88 -19.38
C TYR A 435 0.10 16.77 -19.83
N LYS A 436 -0.55 17.37 -18.83
CA LYS A 436 -1.63 18.32 -19.07
C LYS A 436 -1.18 19.49 -19.95
N ASP A 437 0.03 19.99 -19.74
CA ASP A 437 0.45 21.25 -20.39
C ASP A 437 1.16 21.02 -21.73
N SER A 438 1.26 19.78 -22.18
CA SER A 438 2.01 19.48 -23.41
C SER A 438 1.29 19.99 -24.65
N LEU A 439 2.11 20.41 -25.62
CA LEU A 439 1.62 20.87 -26.92
C LEU A 439 0.99 19.72 -27.69
N PHE A 440 1.56 18.52 -27.54
CA PHE A 440 1.01 17.30 -28.12
C PHE A 440 0.65 16.35 -26.98
N LYS A 441 -0.59 15.87 -26.98
CA LYS A 441 -1.10 15.06 -25.89
C LYS A 441 -1.62 13.70 -26.36
N VAL A 442 -1.32 12.66 -25.57
CA VAL A 442 -1.84 11.35 -25.86
C VAL A 442 -3.35 11.22 -25.58
N THR A 443 -3.95 10.14 -26.08
CA THR A 443 -5.35 9.87 -25.84
C THR A 443 -5.55 9.64 -24.34
N PRO A 444 -6.62 10.21 -23.77
CA PRO A 444 -6.89 10.07 -22.33
C PRO A 444 -7.48 8.69 -22.02
N THR A 445 -6.58 7.70 -22.04
CA THR A 445 -6.94 6.32 -21.74
C THR A 445 -5.75 5.74 -20.98
N ASN A 446 -5.87 4.49 -20.58
CA ASN A 446 -4.83 3.81 -19.81
C ASN A 446 -3.98 2.93 -20.72
N TYR A 447 -2.69 2.87 -20.39
CA TYR A 447 -1.67 2.14 -21.15
C TYR A 447 -0.93 1.23 -20.18
N ILE A 448 -0.06 0.38 -20.72
CA ILE A 448 0.88 -0.41 -19.91
C ILE A 448 2.29 -0.10 -20.39
N ALA A 449 3.21 0.08 -19.45
CA ALA A 449 4.60 0.36 -19.81
C ALA A 449 5.49 -0.70 -19.19
N MET A 450 6.70 -0.75 -19.74
N MET A 450 6.66 -0.93 -19.80
CA MET A 450 7.70 -1.73 -19.40
CA MET A 450 7.68 -1.84 -19.26
C MET A 450 9.02 -1.00 -19.13
C MET A 450 9.01 -1.12 -19.15
N THR A 451 9.72 -1.40 -18.07
CA THR A 451 11.12 -0.98 -17.92
C THR A 451 11.93 -2.22 -17.59
N THR A 452 13.23 -2.14 -17.87
CA THR A 452 14.13 -3.22 -17.55
C THR A 452 15.30 -2.68 -16.75
N SER A 453 15.88 -3.58 -15.96
CA SER A 453 17.12 -3.32 -15.24
C SER A 453 18.12 -4.41 -15.59
N GLN A 454 19.36 -4.05 -15.91
N GLN A 454 19.34 -3.97 -15.85
CA GLN A 454 20.39 -5.07 -16.12
CA GLN A 454 20.46 -4.83 -16.20
C GLN A 454 21.31 -5.20 -14.91
C GLN A 454 21.43 -4.94 -15.01
N ASN A 455 21.02 -4.44 -13.85
CA ASN A 455 21.79 -4.51 -12.61
C ASN A 455 20.90 -4.84 -11.41
N ARG A 456 19.86 -5.63 -11.65
CA ARG A 456 19.03 -6.18 -10.58
C ARG A 456 18.49 -5.08 -9.65
N GLY A 457 18.02 -4.01 -10.25
CA GLY A 457 17.30 -2.99 -9.49
C GLY A 457 18.13 -1.81 -9.02
N GLU A 458 19.41 -1.74 -9.38
CA GLU A 458 20.20 -0.57 -9.03
C GLU A 458 19.87 0.65 -9.90
N SER A 459 19.38 0.38 -11.11
CA SER A 459 18.87 1.43 -11.99
C SER A 459 17.87 0.80 -12.96
N TRP A 460 16.98 1.64 -13.48
CA TRP A 460 15.94 1.24 -14.42
C TRP A 460 16.09 2.06 -15.70
N GLU A 461 15.87 1.39 -16.82
CA GLU A 461 15.86 2.05 -18.11
C GLU A 461 14.58 2.87 -18.27
N GLN A 462 14.61 3.77 -19.23
N GLN A 462 14.58 3.78 -19.25
CA GLN A 462 13.42 4.51 -19.64
CA GLN A 462 13.39 4.57 -19.53
C GLN A 462 12.33 3.52 -20.02
C GLN A 462 12.32 3.62 -20.08
N PHE A 463 11.09 3.80 -19.59
CA PHE A 463 9.99 2.91 -19.93
C PHE A 463 9.58 3.01 -21.39
N LYS A 464 9.03 1.91 -21.90
CA LYS A 464 8.45 1.86 -23.24
C LYS A 464 7.02 1.35 -23.09
N LEU A 465 6.09 1.98 -23.80
CA LEU A 465 4.72 1.51 -23.82
C LEU A 465 4.66 0.17 -24.52
N LEU A 466 3.85 -0.74 -23.97
CA LEU A 466 3.47 -1.94 -24.70
C LEU A 466 2.44 -1.58 -25.75
N PRO A 467 2.36 -2.40 -26.81
CA PRO A 467 1.33 -2.16 -27.80
C PRO A 467 -0.06 -2.49 -27.27
N PRO A 468 -1.11 -2.09 -28.00
CA PRO A 468 -2.44 -2.56 -27.66
C PRO A 468 -2.58 -4.03 -28.07
N PHE A 469 -3.36 -4.77 -27.29
CA PHE A 469 -3.54 -6.22 -27.51
C PHE A 469 -4.97 -6.58 -27.94
N LEU A 470 -5.91 -5.66 -27.74
CA LEU A 470 -7.34 -5.92 -27.96
C LEU A 470 -7.91 -4.99 -29.04
N GLY A 471 -7.05 -4.50 -29.91
CA GLY A 471 -7.49 -3.70 -31.03
C GLY A 471 -7.45 -2.22 -30.81
N GLU A 472 -7.66 -1.47 -31.89
CA GLU A 472 -7.60 -0.02 -31.90
C GLU A 472 -8.55 0.65 -30.96
N LYS A 473 -9.74 0.06 -30.80
CA LYS A 473 -10.82 0.74 -30.11
C LYS A 473 -11.12 0.10 -28.74
N HIS A 474 -10.06 -0.24 -28.03
CA HIS A 474 -10.16 -0.82 -26.70
C HIS A 474 -9.04 -0.23 -25.85
N ASN A 475 -9.37 0.25 -24.66
CA ASN A 475 -8.38 0.76 -23.71
C ASN A 475 -7.41 -0.34 -23.26
N GLY A 476 -6.32 0.05 -22.59
CA GLY A 476 -5.37 -0.93 -22.09
C GLY A 476 -6.03 -1.93 -21.14
N THR A 477 -5.47 -3.12 -21.04
CA THR A 477 -5.83 -4.01 -19.94
C THR A 477 -5.08 -3.47 -18.73
N TYR A 478 -5.46 -3.97 -17.56
CA TYR A 478 -4.92 -3.52 -16.27
C TYR A 478 -3.96 -4.57 -15.73
N LEU A 479 -2.74 -4.15 -15.45
CA LEU A 479 -1.72 -5.07 -14.97
C LEU A 479 -2.14 -5.62 -13.61
N CYS A 480 -1.98 -6.93 -13.39
CA CYS A 480 -2.21 -7.52 -12.07
C CYS A 480 -0.97 -7.26 -11.21
N PRO A 481 -1.14 -6.53 -10.11
CA PRO A 481 0.06 -6.22 -9.31
C PRO A 481 0.69 -7.46 -8.68
N GLY A 482 2.03 -7.44 -8.58
CA GLY A 482 2.77 -8.45 -7.85
C GLY A 482 3.92 -9.02 -8.67
N GLN A 483 3.81 -10.28 -9.07
CA GLN A 483 4.85 -10.96 -9.84
C GLN A 483 4.34 -11.37 -11.22
N GLY A 484 5.22 -11.30 -12.21
CA GLY A 484 5.06 -12.07 -13.42
C GLY A 484 5.53 -13.49 -13.15
N LEU A 485 5.35 -14.36 -14.14
CA LEU A 485 5.76 -15.76 -14.01
C LEU A 485 6.85 -16.05 -15.04
N ALA A 486 8.02 -16.51 -14.56
CA ALA A 486 9.08 -17.04 -15.41
C ALA A 486 8.98 -18.56 -15.37
N LEU A 487 8.58 -19.17 -16.47
N LEU A 487 8.57 -19.16 -16.48
CA LEU A 487 8.43 -20.63 -16.49
CA LEU A 487 8.45 -20.63 -16.53
C LEU A 487 9.81 -21.27 -16.29
C LEU A 487 9.83 -21.24 -16.25
N LYS A 488 9.86 -22.29 -15.45
CA LYS A 488 11.15 -22.83 -14.99
C LYS A 488 11.99 -23.51 -16.06
N SER A 489 11.33 -24.19 -16.99
N SER A 489 11.34 -24.23 -16.97
CA SER A 489 12.03 -25.02 -17.99
CA SER A 489 12.06 -24.98 -17.98
C SER A 489 12.18 -24.36 -19.37
C SER A 489 11.79 -24.45 -19.37
N SER A 490 11.74 -23.11 -19.50
CA SER A 490 11.73 -22.45 -20.80
C SER A 490 12.12 -20.98 -20.64
N ASN A 491 12.03 -20.23 -21.73
CA ASN A 491 12.33 -18.82 -21.70
C ASN A 491 11.04 -18.00 -21.60
N ARG A 492 9.91 -18.65 -21.36
CA ARG A 492 8.63 -17.93 -21.42
C ARG A 492 8.43 -17.08 -20.17
N LEU A 493 8.01 -15.84 -20.41
CA LEU A 493 7.57 -14.90 -19.38
C LEU A 493 6.10 -14.59 -19.57
N ILE A 494 5.37 -14.56 -18.47
CA ILE A 494 3.93 -14.22 -18.49
C ILE A 494 3.57 -13.17 -17.44
N PHE A 495 2.90 -12.10 -17.87
CA PHE A 495 2.29 -11.15 -16.93
C PHE A 495 0.78 -11.23 -17.10
N ALA A 496 0.08 -11.52 -16.00
CA ALA A 496 -1.38 -11.45 -16.01
C ALA A 496 -1.86 -9.99 -16.03
N THR A 497 -2.91 -9.75 -16.80
CA THR A 497 -3.64 -8.50 -16.76
C THR A 497 -5.12 -8.81 -16.83
N TYR A 498 -5.96 -7.83 -16.52
CA TYR A 498 -7.40 -8.05 -16.60
C TYR A 498 -8.12 -6.93 -17.34
N THR A 499 -9.29 -7.28 -17.86
CA THR A 499 -10.19 -6.29 -18.44
C THR A 499 -11.60 -6.84 -18.25
N SER A 500 -12.61 -6.10 -18.70
N SER A 500 -12.60 -6.11 -18.72
CA SER A 500 -13.98 -6.57 -18.57
CA SER A 500 -13.99 -6.56 -18.61
C SER A 500 -14.14 -7.89 -19.32
C SER A 500 -14.13 -7.91 -19.34
N GLY A 501 -14.59 -8.91 -18.58
CA GLY A 501 -14.92 -10.23 -19.15
C GLY A 501 -13.79 -11.22 -19.33
N GLU A 502 -12.55 -10.83 -19.05
CA GLU A 502 -11.45 -11.77 -19.23
C GLU A 502 -10.19 -11.42 -18.47
N LEU A 503 -9.37 -12.45 -18.30
CA LEU A 503 -7.97 -12.27 -18.00
C LEU A 503 -7.25 -12.24 -19.34
N THR A 504 -6.28 -11.35 -19.48
CA THR A 504 -5.50 -11.21 -20.69
C THR A 504 -4.06 -11.43 -20.27
N TYR A 505 -3.55 -12.63 -20.52
CA TYR A 505 -2.18 -12.96 -20.20
C TYR A 505 -1.28 -12.45 -21.29
N LEU A 506 -0.21 -11.74 -20.91
CA LEU A 506 0.77 -11.23 -21.84
C LEU A 506 2.00 -12.13 -21.80
N ILE A 507 2.35 -12.70 -22.96
CA ILE A 507 3.34 -13.75 -23.05
C ILE A 507 4.51 -13.32 -23.92
N SER A 508 5.74 -13.46 -23.41
CA SER A 508 6.95 -13.17 -24.20
C SER A 508 7.89 -14.35 -24.13
N ASP A 509 8.43 -14.72 -25.29
CA ASP A 509 9.43 -15.77 -25.40
C ASP A 509 10.80 -15.20 -25.82
N ASP A 510 10.92 -13.87 -25.81
CA ASP A 510 12.15 -13.23 -26.25
C ASP A 510 12.61 -12.12 -25.29
N SER A 511 12.58 -12.44 -23.99
CA SER A 511 13.08 -11.54 -22.95
C SER A 511 12.33 -10.20 -22.87
N GLY A 512 11.04 -10.21 -23.21
CA GLY A 512 10.21 -9.02 -23.16
C GLY A 512 10.31 -8.06 -24.33
N GLN A 513 11.00 -8.46 -25.38
CA GLN A 513 11.10 -7.62 -26.57
C GLN A 513 9.75 -7.53 -27.28
N THR A 514 9.05 -8.67 -27.35
CA THR A 514 7.71 -8.70 -27.95
C THR A 514 6.78 -9.53 -27.09
N TRP A 515 5.49 -9.18 -27.15
CA TRP A 515 4.44 -9.80 -26.35
C TRP A 515 3.28 -10.20 -27.24
N LYS A 516 2.62 -11.29 -26.88
CA LYS A 516 1.35 -11.69 -27.48
C LYS A 516 0.36 -11.93 -26.36
N LYS A 517 -0.94 -11.85 -26.64
CA LYS A 517 -1.94 -12.10 -25.61
C LYS A 517 -2.45 -13.54 -25.66
N SER A 518 -2.94 -13.99 -24.51
CA SER A 518 -3.75 -15.20 -24.43
C SER A 518 -4.93 -14.84 -23.55
N SER A 519 -6.12 -14.81 -24.12
CA SER A 519 -7.32 -14.40 -23.43
C SER A 519 -7.98 -15.58 -22.77
N ALA A 520 -8.47 -15.39 -21.55
CA ALA A 520 -9.16 -16.41 -20.79
C ALA A 520 -10.44 -15.78 -20.26
N SER A 521 -11.57 -16.18 -20.82
N SER A 521 -11.57 -16.19 -20.81
CA SER A 521 -12.86 -15.65 -20.39
CA SER A 521 -12.86 -15.68 -20.38
C SER A 521 -13.15 -16.00 -18.93
C SER A 521 -13.13 -16.00 -18.91
N ILE A 522 -13.74 -15.04 -18.22
CA ILE A 522 -14.18 -15.23 -16.85
C ILE A 522 -15.66 -14.80 -16.75
N PRO A 523 -16.45 -15.48 -15.89
CA PRO A 523 -17.90 -15.23 -15.87
C PRO A 523 -18.33 -14.07 -14.98
N PHE A 524 -17.57 -12.97 -15.03
CA PHE A 524 -17.91 -11.72 -14.35
C PHE A 524 -17.61 -10.59 -15.33
N LYS A 525 -18.48 -9.59 -15.40
CA LYS A 525 -18.12 -8.33 -16.03
C LYS A 525 -17.80 -7.34 -14.91
N ASN A 526 -17.00 -6.33 -15.25
CA ASN A 526 -16.70 -5.24 -14.30
C ASN A 526 -15.96 -5.71 -13.04
N ALA A 527 -15.18 -6.79 -13.17
CA ALA A 527 -14.42 -7.30 -12.05
C ALA A 527 -13.02 -6.68 -12.08
N THR A 528 -12.52 -6.38 -10.89
CA THR A 528 -11.12 -6.06 -10.72
C THR A 528 -10.45 -7.42 -10.50
N ALA A 529 -10.17 -8.13 -11.61
CA ALA A 529 -9.79 -9.55 -11.56
C ALA A 529 -8.28 -9.71 -11.45
N GLU A 530 -7.77 -9.26 -10.32
CA GLU A 530 -6.34 -9.28 -10.06
C GLU A 530 -5.91 -10.73 -9.83
N ALA A 531 -4.96 -11.16 -10.66
CA ALA A 531 -4.59 -12.57 -10.80
C ALA A 531 -3.10 -12.76 -10.59
N GLN A 532 -2.74 -13.83 -9.88
CA GLN A 532 -1.34 -14.21 -9.67
C GLN A 532 -1.20 -15.70 -9.94
N MET A 533 -0.02 -16.08 -10.44
CA MET A 533 0.20 -17.40 -11.02
C MET A 533 1.25 -18.19 -10.27
N VAL A 534 1.10 -19.52 -10.26
CA VAL A 534 2.14 -20.45 -9.80
C VAL A 534 2.28 -21.56 -10.83
N GLU A 535 3.50 -22.03 -11.02
CA GLU A 535 3.76 -23.17 -11.87
C GLU A 535 3.75 -24.40 -10.95
N LEU A 536 2.69 -25.21 -11.04
CA LEU A 536 2.57 -26.41 -10.20
C LEU A 536 3.60 -27.48 -10.55
N ARG A 537 3.86 -27.60 -11.84
CA ARG A 537 4.87 -28.47 -12.42
C ARG A 537 5.10 -27.98 -13.83
N ASP A 538 6.11 -28.51 -14.52
CA ASP A 538 6.53 -27.93 -15.79
C ASP A 538 5.37 -27.80 -16.77
N GLY A 539 5.09 -26.56 -17.16
CA GLY A 539 4.08 -26.24 -18.18
C GLY A 539 2.64 -26.13 -17.66
N VAL A 540 2.46 -26.42 -16.37
CA VAL A 540 1.14 -26.41 -15.74
C VAL A 540 1.08 -25.21 -14.79
N ILE A 541 0.23 -24.25 -15.13
CA ILE A 541 0.09 -23.00 -14.41
C ILE A 541 -1.28 -22.92 -13.76
N ARG A 542 -1.30 -22.63 -12.46
CA ARG A 542 -2.55 -22.25 -11.81
C ARG A 542 -2.54 -20.77 -11.48
N THR A 543 -3.64 -20.11 -11.83
CA THR A 543 -3.83 -18.69 -11.59
C THR A 543 -4.93 -18.53 -10.54
N PHE A 544 -4.63 -17.78 -9.49
CA PHE A 544 -5.59 -17.45 -8.43
C PHE A 544 -5.97 -15.99 -8.61
N PHE A 545 -7.26 -15.67 -8.52
CA PHE A 545 -7.68 -14.32 -8.82
C PHE A 545 -8.93 -13.81 -8.08
N ARG A 546 -8.93 -12.49 -7.88
CA ARG A 546 -9.97 -11.75 -7.22
C ARG A 546 -11.22 -11.78 -8.08
N THR A 547 -12.39 -11.86 -7.42
CA THR A 547 -13.67 -11.93 -8.14
C THR A 547 -14.67 -10.97 -7.49
N THR A 548 -15.91 -11.00 -7.99
CA THR A 548 -17.02 -10.26 -7.37
C THR A 548 -17.96 -11.16 -6.55
N THR A 549 -17.54 -12.40 -6.29
CA THR A 549 -18.43 -13.42 -5.73
C THR A 549 -18.26 -13.67 -4.25
N GLY A 550 -17.23 -13.09 -3.64
CA GLY A 550 -16.87 -13.41 -2.25
C GLY A 550 -15.91 -14.60 -2.08
N LYS A 551 -15.56 -15.25 -3.19
CA LYS A 551 -14.60 -16.35 -3.21
C LYS A 551 -13.48 -16.07 -4.20
N ILE A 552 -12.29 -16.51 -3.83
CA ILE A 552 -11.15 -16.48 -4.74
C ILE A 552 -11.34 -17.54 -5.82
N ALA A 553 -11.06 -17.18 -7.07
CA ALA A 553 -11.24 -18.07 -8.22
C ALA A 553 -9.90 -18.62 -8.65
N TYR A 554 -9.92 -19.71 -9.40
CA TYR A 554 -8.72 -20.16 -10.08
C TYR A 554 -9.03 -20.79 -11.42
N MET A 555 -8.02 -20.82 -12.27
CA MET A 555 -8.08 -21.50 -13.54
C MET A 555 -6.70 -22.09 -13.80
N THR A 556 -6.64 -23.06 -14.71
CA THR A 556 -5.41 -23.81 -14.95
C THR A 556 -5.09 -23.87 -16.45
N SER A 557 -3.81 -23.72 -16.80
CA SER A 557 -3.31 -24.00 -18.14
C SER A 557 -2.34 -25.16 -18.06
N ARG A 558 -2.44 -26.07 -19.03
N ARG A 558 -2.42 -26.08 -19.01
CA ARG A 558 -1.55 -27.23 -19.10
CA ARG A 558 -1.48 -27.21 -19.05
C ARG A 558 -0.74 -27.19 -20.40
C ARG A 558 -0.56 -27.13 -20.27
N ASP A 559 -0.57 -25.98 -20.93
CA ASP A 559 0.21 -25.75 -22.15
C ASP A 559 0.96 -24.42 -22.08
N SER A 560 1.47 -24.13 -20.89
CA SER A 560 2.34 -22.96 -20.69
C SER A 560 1.65 -21.64 -21.03
N GLY A 561 0.35 -21.57 -20.78
CA GLY A 561 -0.41 -20.33 -20.97
C GLY A 561 -1.09 -20.15 -22.31
N GLU A 562 -0.98 -21.12 -23.22
CA GLU A 562 -1.64 -20.97 -24.51
C GLU A 562 -3.16 -21.01 -24.36
N THR A 563 -3.65 -21.97 -23.56
CA THR A 563 -5.07 -22.13 -23.32
C THR A 563 -5.36 -22.34 -21.84
N TRP A 564 -6.60 -22.05 -21.45
CA TRP A 564 -6.97 -21.97 -20.06
C TRP A 564 -8.29 -22.67 -19.78
N SER A 565 -8.39 -23.29 -18.62
CA SER A 565 -9.61 -23.94 -18.17
C SER A 565 -10.74 -22.97 -17.84
N LYS A 566 -11.92 -23.54 -17.59
CA LYS A 566 -12.97 -22.79 -16.94
C LYS A 566 -12.58 -22.43 -15.49
N VAL A 567 -13.40 -21.60 -14.89
CA VAL A 567 -13.09 -21.02 -13.59
C VAL A 567 -13.71 -21.86 -12.47
N SER A 568 -12.91 -22.12 -11.43
CA SER A 568 -13.36 -22.78 -10.21
C SER A 568 -13.10 -21.82 -9.04
N TYR A 569 -13.61 -22.18 -7.86
CA TYR A 569 -13.48 -21.34 -6.67
C TYR A 569 -12.86 -22.08 -5.50
N ILE A 570 -12.06 -21.36 -4.73
CA ILE A 570 -11.44 -21.88 -3.53
C ILE A 570 -12.43 -21.88 -2.39
N ASP A 571 -12.57 -23.02 -1.72
CA ASP A 571 -13.34 -23.11 -0.48
C ASP A 571 -12.41 -22.92 0.70
N GLY A 572 -12.96 -22.36 1.77
CA GLY A 572 -12.24 -22.19 3.02
C GLY A 572 -11.58 -20.84 3.22
N ILE A 573 -11.75 -19.96 2.22
CA ILE A 573 -11.36 -18.56 2.35
C ILE A 573 -12.53 -17.67 1.90
N GLN A 574 -12.80 -16.64 2.67
CA GLN A 574 -13.85 -15.67 2.33
C GLN A 574 -13.22 -14.34 1.97
N GLN A 575 -13.74 -13.70 0.94
CA GLN A 575 -13.48 -12.29 0.68
C GLN A 575 -14.78 -11.52 0.68
N THR A 576 -14.66 -10.20 0.66
CA THR A 576 -15.81 -9.33 0.51
C THR A 576 -16.33 -9.41 -0.93
N SER A 577 -17.51 -8.85 -1.17
CA SER A 577 -18.07 -8.84 -2.50
C SER A 577 -17.20 -8.12 -3.53
N TYR A 578 -16.46 -7.08 -3.10
CA TYR A 578 -15.62 -6.29 -4.03
C TYR A 578 -14.24 -6.95 -4.21
N GLY A 579 -13.84 -7.75 -3.22
CA GLY A 579 -12.61 -8.54 -3.29
C GLY A 579 -11.35 -7.78 -2.96
N THR A 580 -10.25 -8.52 -2.90
CA THR A 580 -8.91 -7.98 -2.64
C THR A 580 -7.90 -8.79 -3.43
N GLN A 581 -6.86 -8.11 -3.88
CA GLN A 581 -5.73 -8.75 -4.53
C GLN A 581 -5.24 -9.92 -3.66
N VAL A 582 -4.77 -11.00 -4.31
N VAL A 582 -4.79 -10.98 -4.33
CA VAL A 582 -4.20 -12.15 -3.60
CA VAL A 582 -4.21 -12.15 -3.69
C VAL A 582 -2.87 -12.53 -4.24
C VAL A 582 -2.78 -12.28 -4.23
N SER A 583 -1.86 -12.74 -3.39
CA SER A 583 -0.53 -13.10 -3.88
C SER A 583 -0.34 -14.61 -3.65
N ALA A 584 0.53 -15.21 -4.46
CA ALA A 584 0.65 -16.67 -4.52
C ALA A 584 2.03 -17.09 -5.02
N ILE A 585 2.64 -18.06 -4.34
CA ILE A 585 3.91 -18.63 -4.79
C ILE A 585 3.93 -20.15 -4.69
N LYS A 586 4.82 -20.73 -5.49
N LYS A 586 4.82 -20.74 -5.47
CA LYS A 586 5.18 -22.14 -5.44
CA LYS A 586 5.13 -22.18 -5.42
C LYS A 586 6.40 -22.23 -4.54
C LYS A 586 6.40 -22.32 -4.59
N TYR A 587 6.25 -22.87 -3.39
CA TYR A 587 7.36 -23.02 -2.45
C TYR A 587 8.30 -24.09 -2.97
N SER A 588 9.60 -23.90 -2.75
CA SER A 588 10.61 -24.80 -3.35
C SER A 588 10.81 -26.10 -2.62
N GLN A 589 10.40 -26.18 -1.35
CA GLN A 589 10.66 -27.33 -0.49
C GLN A 589 9.38 -28.10 -0.20
N LEU A 590 9.50 -29.41 -0.01
CA LEU A 590 8.31 -30.18 0.32
C LEU A 590 7.83 -29.82 1.71
N ILE A 591 6.50 -29.85 1.87
CA ILE A 591 5.84 -29.73 3.17
C ILE A 591 4.98 -30.97 3.33
N ASP A 592 5.14 -31.67 4.46
CA ASP A 592 4.48 -32.96 4.68
C ASP A 592 4.64 -33.92 3.49
N GLY A 593 5.82 -33.89 2.88
CA GLY A 593 6.13 -34.76 1.74
C GLY A 593 5.47 -34.40 0.43
N LYS A 594 4.83 -33.23 0.37
CA LYS A 594 4.12 -32.81 -0.82
C LYS A 594 4.62 -31.47 -1.33
N GLU A 595 4.45 -31.25 -2.63
N GLU A 595 4.43 -31.24 -2.63
CA GLU A 595 4.67 -29.94 -3.25
CA GLU A 595 4.70 -29.93 -3.21
C GLU A 595 3.66 -28.96 -2.63
C GLU A 595 3.66 -28.95 -2.68
N ALA A 596 4.09 -27.71 -2.47
CA ALA A 596 3.30 -26.74 -1.74
C ALA A 596 3.19 -25.40 -2.47
N VAL A 597 2.01 -24.79 -2.34
N VAL A 597 2.02 -24.79 -2.38
CA VAL A 597 1.68 -23.44 -2.79
CA VAL A 597 1.85 -23.40 -2.76
C VAL A 597 1.26 -22.62 -1.57
C VAL A 597 1.43 -22.64 -1.50
N ILE A 598 1.67 -21.34 -1.51
CA ILE A 598 1.29 -20.46 -0.41
C ILE A 598 0.53 -19.30 -1.01
N LEU A 599 -0.66 -19.08 -0.46
N LEU A 599 -0.64 -19.04 -0.42
CA LEU A 599 -1.54 -17.98 -0.82
CA LEU A 599 -1.58 -18.00 -0.85
C LEU A 599 -1.51 -16.93 0.30
C LEU A 599 -1.72 -16.96 0.29
N SER A 600 -1.62 -15.68 -0.06
CA SER A 600 -1.72 -14.59 0.91
C SER A 600 -2.93 -13.71 0.54
N THR A 601 -3.80 -13.47 1.51
CA THR A 601 -5.08 -12.81 1.28
C THR A 601 -5.75 -12.47 2.62
N PRO A 602 -6.57 -11.42 2.64
CA PRO A 602 -7.49 -11.31 3.77
C PRO A 602 -8.45 -12.49 3.73
N ASN A 603 -8.94 -12.89 4.90
CA ASN A 603 -9.93 -13.94 4.99
C ASN A 603 -11.05 -13.38 5.86
N SER A 604 -11.98 -12.70 5.20
CA SER A 604 -13.07 -12.00 5.87
C SER A 604 -14.14 -11.68 4.86
N ARG A 605 -15.40 -11.82 5.29
CA ARG A 605 -16.50 -11.35 4.45
C ARG A 605 -16.90 -9.91 4.82
N SER A 606 -16.22 -9.32 5.77
N SER A 606 -16.21 -9.32 5.81
CA SER A 606 -16.65 -8.06 6.32
CA SER A 606 -16.62 -8.05 6.49
C SER A 606 -15.87 -6.89 5.73
C SER A 606 -15.68 -6.83 6.28
N GLY A 607 -14.56 -7.04 5.61
CA GLY A 607 -13.68 -5.92 5.25
C GLY A 607 -12.35 -6.48 4.81
N ARG A 608 -11.37 -5.61 4.54
CA ARG A 608 -10.00 -6.04 4.24
C ARG A 608 -9.27 -6.16 5.56
N LYS A 609 -9.46 -7.34 6.14
CA LYS A 609 -8.97 -7.68 7.46
C LYS A 609 -8.80 -9.18 7.59
N GLY A 610 -8.20 -9.60 8.68
CA GLY A 610 -8.00 -11.02 8.92
C GLY A 610 -7.06 -11.66 7.93
N GLY A 611 -5.91 -11.04 7.76
CA GLY A 611 -4.89 -11.56 6.86
C GLY A 611 -4.42 -12.96 7.21
N GLN A 612 -4.23 -13.78 6.18
CA GLN A 612 -3.70 -15.12 6.36
C GLN A 612 -2.72 -15.49 5.27
N LEU A 613 -1.78 -16.36 5.64
CA LEU A 613 -1.09 -17.18 4.65
C LEU A 613 -1.74 -18.56 4.73
N VAL A 614 -2.07 -19.12 3.58
CA VAL A 614 -2.74 -20.41 3.48
C VAL A 614 -1.82 -21.33 2.69
N VAL A 615 -1.44 -22.45 3.30
CA VAL A 615 -0.50 -23.38 2.69
C VAL A 615 -1.29 -24.52 2.07
N GLY A 616 -1.08 -24.72 0.77
CA GLY A 616 -1.80 -25.72 -0.01
C GLY A 616 -0.85 -26.78 -0.48
N LEU A 617 -1.22 -28.03 -0.22
CA LEU A 617 -0.41 -29.17 -0.62
C LEU A 617 -1.01 -29.77 -1.89
N VAL A 618 -0.16 -29.96 -2.90
CA VAL A 618 -0.61 -30.33 -4.25
C VAL A 618 -0.72 -31.85 -4.35
N ASN A 619 -1.85 -32.32 -4.85
CA ASN A 619 -2.04 -33.75 -5.13
C ASN A 619 -1.34 -34.06 -6.45
N LYS A 620 -0.37 -34.97 -6.40
CA LYS A 620 0.50 -35.24 -7.55
C LYS A 620 -0.24 -35.95 -8.70
N GLU A 621 -1.43 -36.48 -8.41
CA GLU A 621 -2.19 -37.26 -9.38
C GLU A 621 -3.17 -36.43 -10.22
N ASP A 622 -3.78 -35.42 -9.61
CA ASP A 622 -4.78 -34.59 -10.30
C ASP A 622 -4.59 -33.07 -10.16
N ASP A 623 -3.46 -32.65 -9.59
CA ASP A 623 -3.14 -31.21 -9.39
C ASP A 623 -4.11 -30.41 -8.51
N SER A 624 -5.01 -31.09 -7.80
CA SER A 624 -5.87 -30.45 -6.81
C SER A 624 -5.02 -30.03 -5.62
N ILE A 625 -5.54 -29.11 -4.82
CA ILE A 625 -4.79 -28.55 -3.69
C ILE A 625 -5.59 -28.73 -2.40
N ASP A 626 -4.91 -29.23 -1.38
CA ASP A 626 -5.44 -29.39 -0.03
C ASP A 626 -4.92 -28.18 0.75
N TRP A 627 -5.83 -27.25 1.08
CA TRP A 627 -5.46 -26.03 1.80
C TRP A 627 -5.42 -26.41 3.27
N LYS A 628 -4.29 -26.98 3.68
CA LYS A 628 -4.17 -27.70 4.94
C LYS A 628 -3.87 -26.81 6.15
N TYR A 629 -3.17 -25.70 5.92
CA TYR A 629 -2.80 -24.79 7.01
C TYR A 629 -3.23 -23.35 6.72
N HIS A 630 -3.79 -22.69 7.73
CA HIS A 630 -4.11 -21.26 7.70
C HIS A 630 -3.32 -20.60 8.80
N TYR A 631 -2.51 -19.60 8.47
CA TYR A 631 -1.74 -18.88 9.48
C TYR A 631 -2.30 -17.48 9.56
N ASP A 632 -2.74 -17.07 10.75
CA ASP A 632 -3.19 -15.67 10.94
C ASP A 632 -2.00 -14.71 11.05
N ILE A 633 -1.93 -13.75 10.14
CA ILE A 633 -0.89 -12.72 10.16
C ILE A 633 -1.00 -11.86 11.44
N ASP A 634 -2.24 -11.54 11.80
CA ASP A 634 -2.56 -10.82 13.03
C ASP A 634 -4.04 -11.13 13.33
N LEU A 635 -4.67 -10.37 14.20
CA LEU A 635 -6.04 -10.64 14.60
C LEU A 635 -7.03 -10.60 13.45
N PRO A 636 -8.10 -11.42 13.51
CA PRO A 636 -9.13 -11.35 12.48
C PRO A 636 -9.70 -9.95 12.22
N SER A 637 -9.69 -9.10 13.24
CA SER A 637 -10.27 -7.77 13.14
C SER A 637 -9.29 -6.68 12.66
N TYR A 638 -8.01 -7.02 12.55
CA TYR A 638 -6.99 -6.04 12.17
C TYR A 638 -6.79 -6.06 10.64
N GLY A 639 -6.47 -4.90 10.08
CA GLY A 639 -6.51 -4.76 8.65
C GLY A 639 -5.45 -5.55 7.91
N TYR A 640 -5.82 -5.99 6.72
CA TYR A 640 -4.90 -6.68 5.82
C TYR A 640 -5.49 -6.60 4.45
N ALA A 641 -4.76 -5.99 3.52
CA ALA A 641 -5.31 -5.75 2.20
C ALA A 641 -4.38 -6.32 1.14
N TYR A 642 -3.88 -5.50 0.22
CA TYR A 642 -2.99 -6.04 -0.81
C TYR A 642 -1.71 -6.57 -0.17
N SER A 643 -1.11 -7.58 -0.80
CA SER A 643 0.05 -8.26 -0.22
C SER A 643 0.98 -8.80 -1.28
N ALA A 644 2.21 -9.01 -0.83
CA ALA A 644 3.28 -9.57 -1.66
C ALA A 644 3.94 -10.62 -0.80
N ILE A 645 4.23 -11.79 -1.40
CA ILE A 645 4.97 -12.83 -0.70
C ILE A 645 6.06 -13.39 -1.60
N THR A 646 7.15 -13.79 -0.96
CA THR A 646 8.23 -14.41 -1.72
C THR A 646 8.99 -15.35 -0.82
N GLU A 647 9.52 -16.41 -1.43
CA GLU A 647 10.44 -17.30 -0.74
C GLU A 647 11.81 -16.65 -0.77
N LEU A 648 12.32 -16.30 0.40
CA LEU A 648 13.65 -15.71 0.52
C LEU A 648 14.67 -16.80 0.26
N PRO A 649 15.90 -16.41 -0.11
CA PRO A 649 16.91 -17.44 -0.42
C PRO A 649 17.17 -18.46 0.66
N ASN A 650 16.94 -18.10 1.92
CA ASN A 650 17.10 -19.03 3.07
C ASN A 650 15.84 -19.87 3.40
N HIS A 651 14.87 -19.86 2.49
CA HIS A 651 13.60 -20.58 2.60
C HIS A 651 12.61 -19.96 3.59
N HIS A 652 12.96 -18.82 4.18
CA HIS A 652 11.96 -18.06 4.93
C HIS A 652 10.98 -17.49 3.91
N ILE A 653 9.86 -16.97 4.43
CA ILE A 653 8.88 -16.27 3.61
C ILE A 653 8.88 -14.80 4.03
N GLY A 654 9.06 -13.91 3.06
CA GLY A 654 8.92 -12.49 3.27
C GLY A 654 7.54 -12.09 2.84
N VAL A 655 6.89 -11.27 3.67
CA VAL A 655 5.56 -10.72 3.34
C VAL A 655 5.62 -9.19 3.46
N LEU A 656 5.25 -8.50 2.38
CA LEU A 656 5.12 -7.03 2.39
C LEU A 656 3.66 -6.74 2.09
N PHE A 657 2.96 -6.09 3.02
CA PHE A 657 1.51 -6.04 2.91
C PHE A 657 0.92 -4.75 3.47
N GLU A 658 -0.26 -4.40 2.94
CA GLU A 658 -1.01 -3.26 3.43
C GLU A 658 -1.70 -3.65 4.74
N LYS A 659 -1.18 -3.15 5.86
CA LYS A 659 -1.74 -3.48 7.17
C LYS A 659 -2.83 -2.46 7.51
N TYR A 660 -3.84 -2.37 6.65
CA TYR A 660 -4.99 -1.53 6.92
C TYR A 660 -6.08 -1.92 5.93
N ASP A 661 -7.28 -1.37 6.10
CA ASP A 661 -8.33 -1.64 5.15
C ASP A 661 -8.26 -0.60 4.05
N SER A 662 -7.66 -0.96 2.92
CA SER A 662 -7.45 0.01 1.84
C SER A 662 -8.69 0.27 0.98
N TRP A 663 -9.80 -0.38 1.32
CA TRP A 663 -11.10 -0.06 0.69
C TRP A 663 -11.90 0.95 1.52
N SER A 664 -11.76 0.83 2.83
CA SER A 664 -12.57 1.63 3.76
C SER A 664 -12.41 3.13 3.55
N ARG A 665 -13.54 3.84 3.52
CA ARG A 665 -13.50 5.29 3.45
C ARG A 665 -13.21 5.96 4.79
N ASN A 666 -13.03 5.14 5.84
CA ASN A 666 -12.56 5.62 7.14
C ASN A 666 -11.05 5.50 7.33
N GLU A 667 -10.37 4.77 6.45
CA GLU A 667 -8.95 4.44 6.63
C GLU A 667 -8.08 4.98 5.49
N LEU A 668 -8.58 6.00 4.81
CA LEU A 668 -7.82 6.65 3.75
C LEU A 668 -6.62 7.39 4.34
N HIS A 669 -5.57 7.52 3.55
CA HIS A 669 -4.49 8.45 3.88
C HIS A 669 -3.83 8.18 5.23
N LEU A 670 -3.44 6.92 5.45
CA LEU A 670 -2.61 6.53 6.59
C LEU A 670 -1.18 6.32 6.10
N SER A 671 -0.22 6.77 6.92
CA SER A 671 1.19 6.60 6.59
C SER A 671 1.80 5.39 7.28
N ASN A 672 2.78 4.80 6.62
CA ASN A 672 3.57 3.72 7.20
C ASN A 672 2.75 2.52 7.66
N VAL A 673 1.80 2.14 6.81
CA VAL A 673 0.97 0.94 7.03
C VAL A 673 1.33 -0.23 6.10
N VAL A 674 2.08 0.03 5.03
CA VAL A 674 2.65 -1.07 4.22
C VAL A 674 3.90 -1.52 4.95
N GLN A 675 3.87 -2.75 5.44
CA GLN A 675 4.89 -3.28 6.36
C GLN A 675 5.41 -4.62 5.91
N TYR A 676 6.62 -4.93 6.34
CA TYR A 676 7.31 -6.18 6.01
C TYR A 676 7.53 -7.07 7.22
N ILE A 677 7.25 -8.37 7.04
CA ILE A 677 7.56 -9.37 8.08
C ILE A 677 8.27 -10.57 7.48
N ASP A 678 9.02 -11.28 8.35
CA ASP A 678 9.73 -12.50 8.01
C ASP A 678 9.11 -13.68 8.76
N LEU A 679 8.74 -14.73 8.05
CA LEU A 679 8.16 -15.93 8.65
C LEU A 679 8.91 -17.17 8.19
N GLU A 680 8.87 -18.20 9.03
CA GLU A 680 9.39 -19.52 8.64
C GLU A 680 8.21 -20.48 8.43
N ILE A 681 8.42 -21.54 7.64
CA ILE A 681 7.32 -22.48 7.38
C ILE A 681 6.76 -23.04 8.68
N ASN A 682 7.63 -23.36 9.64
N ASN A 682 7.65 -23.36 9.63
CA ASN A 682 7.16 -23.89 10.93
CA ASN A 682 7.23 -23.85 10.94
C ASN A 682 6.25 -22.92 11.71
C ASN A 682 6.19 -22.94 11.59
N ASP A 683 6.36 -21.63 11.42
CA ASP A 683 5.43 -20.64 11.99
C ASP A 683 4.03 -20.80 11.38
N LEU A 684 3.97 -21.20 10.12
CA LEU A 684 2.69 -21.31 9.40
C LEU A 684 1.90 -22.56 9.72
N THR A 685 2.60 -23.65 10.05
CA THR A 685 2.01 -24.99 10.14
C THR A 685 1.78 -25.43 11.59
N LYS A 686 2.11 -24.56 12.54
CA LYS A 686 1.91 -24.86 13.97
C LYS A 686 0.45 -25.10 14.29
#